data_8T6S
#
_entry.id   8T6S
#
_cell.length_a   1.00
_cell.length_b   1.00
_cell.length_c   1.00
_cell.angle_alpha   90.00
_cell.angle_beta   90.00
_cell.angle_gamma   90.00
#
_symmetry.space_group_name_H-M   'P 1'
#
loop_
_entity.id
_entity.type
_entity.pdbx_description
1 polymer 'CRISPR-associated endonuclease Cas9/Csn1'
2 polymer gRNA
3 polymer TS
4 polymer NTS
#
loop_
_entity_poly.entity_id
_entity_poly.type
_entity_poly.pdbx_seq_one_letter_code
_entity_poly.pdbx_strand_id
1 'polypeptide(L)'
;EDKKYSIGLDIGTNSVGWAVITDEYKVPSKKFKVLGNTDRHSIKKNLIGALLFDSGETAERTRLKRTARRRYTRRKNRIC
YLQEIFSNEMAKVDDSFFHRLEESFLVEEDKKHERHPIFGNIVDEVAYHEKYPTIYHLRKKLVDSTDKADLRLIYLALAH
MIKFRGHFLIEGDLNPDNSDVDKLFIQLVQTYNQLFEENPINASGVDAKAILSARLSKSRRLENLIAQLPGEKKNGLFGN
LIALSLGLTPNFKSNFDLAEDAKLQLSKDTYDDDLDNLLAQIGDQYADLFLAAKNLSDAILLSDILRVNTEITKAPLSAS
MIKRYDEHHQDLTLLKALVRQQLPEKYKEIFFDQSKNGYAGYIDGGASQEEFYKFIKPILEKMDGTEELLVKLNREDLLR
KQRTFDNGSIPHQIHLGELHAILRRQEDFYPFLKDNREKIEKILTFRIPYYVGPLARGNSRFAWMTRKSEETITPWNFEE
VVDKGASAQSFIERMTNFDKNLPNEKVLPKHSLLYEYFTVYNELTKVKYVTEGMRKPAFLSGEQKKAIVDLLFKTNRKVT
VKQLKEDYFKKIECFDSVEISGVEDRFNASLGTYHDLLKIIKDKDFLDNEENEDILEDIVLTLTLFEDREMIEERLKTYA
HLFDDKVMKQLKRRRYTGWGRLSRKLINGIRDKQSGKTILDFLKSDGFANRNFMQLIHDDSLTFKEDIQKAQVSGQGDSL
HEHIANLAGSPAIKKGILQTVKVVDELVKVMGRHKPENIVIEMARENQTTQKGQKNSRERMKRIEEGIKELGSQILKEHP
VENTQLQNEKLYLYYLQNGRDMYVDQELDINRLSDYDVDHIVPQSFLKDDSIDNKVLTRSDKNRGKSDNVPSEEVVKKMK
NYWRQLLNAKLITQRKFDNLTKAERGGLSELDKAGFIKRQLVETRQITKHVAQILDSRMNTKYDENDKLIREVKVITLKS
KLVSDFRKDFQFYKVREINNYHHAHDAYLNAVVGTALIKKYPKLESEFVYGDYKVYDVRKMIAKSEQEIGKATAKYFFYS
NIMNFFKTEITLANGEIRKRPLIETNGETGEIVWDKGRDFATVRKVLSMPQVNIVKKTEVQTGGFSKESIRPKRNSDKLI
ARKKDWDPKKYGGFLWPTVAYSVLVVAKVEKGKSKKLKSVKELLGITIMERSSFEKNPIDFLEAKGYKEVKKDLIIKLPK
YSLFELENGRKRMLASAKQLQKGNELALPSKYVNFLYLASHYEKLKGSPEDNEQKQLFVEQHKHYLDEIIEQISEFSKRV
ILADANLDKVLSAYNKHRDKPIREQAENIIHLFTLTRLGAPRAFKYFDTTIDPKQYRSTKEVLDATLIHQSITGLYETRI
DLSQLGGDG
;
A
2 'polyribonucleotide'
;AAGAUGAGACGCGUUUUAGAGCUAGAAAUAGCAAGUUAAAAUAAGGCUAGUCCGUUAUCAACUUGAAAAAGUGGCACCGA
GUCGGUGCUU
;
B
3 'polydeoxyribonucleotide' (DT)(DT)(DG)(DT)(DA)(DC)(DT)(DG)(DT)(DA)(DG)(DC)(DG)(DT)(DC)(DT)(DC)(DA)(DT)(DC) C
4 'polydeoxyribonucleotide' (DA)(DC)(DA)(DG)(DT)(DA)(DC)(DA)(DA) D
#
# COMPACT_ATOMS: atom_id res chain seq x y z
N LYS A 3 -28.27 32.19 24.45
CA LYS A 3 -27.38 32.98 23.63
C LYS A 3 -26.00 32.34 23.48
N LYS A 4 -25.18 32.49 24.51
CA LYS A 4 -23.78 32.09 24.42
C LYS A 4 -23.63 30.58 24.65
N TYR A 5 -22.68 29.99 23.92
CA TYR A 5 -22.47 28.55 23.93
C TYR A 5 -21.09 28.25 23.36
N SER A 6 -20.60 27.04 23.62
CA SER A 6 -19.28 26.64 23.20
C SER A 6 -19.30 25.25 22.59
N ILE A 7 -18.30 24.99 21.75
CA ILE A 7 -18.14 23.73 21.03
C ILE A 7 -16.95 22.98 21.60
N GLY A 8 -17.17 21.73 21.99
CA GLY A 8 -16.09 20.83 22.36
C GLY A 8 -15.71 19.96 21.18
N LEU A 9 -14.41 19.73 21.04
CA LEU A 9 -13.97 18.98 19.89
C LEU A 9 -12.78 18.11 20.27
N ASP A 10 -12.72 16.92 19.71
CA ASP A 10 -11.50 16.12 19.68
C ASP A 10 -11.32 15.53 18.29
N ILE A 11 -10.07 15.33 17.90
CA ILE A 11 -9.73 14.93 16.54
C ILE A 11 -8.94 13.64 16.63
N GLY A 12 -9.34 12.64 15.85
CA GLY A 12 -8.65 11.36 15.90
C GLY A 12 -8.64 10.68 14.55
N THR A 13 -8.12 9.44 14.51
CA THR A 13 -8.04 8.72 13.25
C THR A 13 -9.40 8.27 12.75
N ASN A 14 -10.31 7.91 13.66
CA ASN A 14 -11.59 7.33 13.28
C ASN A 14 -12.80 8.08 13.80
N SER A 15 -12.65 8.95 14.78
CA SER A 15 -13.78 9.55 15.46
C SER A 15 -13.59 11.06 15.54
N VAL A 16 -14.71 11.78 15.47
CA VAL A 16 -14.75 13.21 15.72
C VAL A 16 -15.87 13.46 16.73
N GLY A 17 -15.51 13.55 18.00
CA GLY A 17 -16.47 13.95 19.00
C GLY A 17 -16.76 15.43 18.92
N TRP A 18 -18.00 15.79 19.23
CA TRP A 18 -18.51 17.14 19.04
C TRP A 18 -19.38 17.47 20.24
N ALA A 19 -19.49 18.75 20.57
CA ALA A 19 -20.17 19.08 21.81
C ALA A 19 -20.78 20.47 21.74
N VAL A 20 -21.75 20.70 22.63
CA VAL A 20 -22.38 22.01 22.83
C VAL A 20 -22.56 22.22 24.33
N ILE A 21 -21.91 23.25 24.87
CA ILE A 21 -21.93 23.54 26.30
C ILE A 21 -22.36 24.98 26.50
N THR A 22 -23.37 25.18 27.35
CA THR A 22 -23.67 26.49 27.92
C THR A 22 -22.92 26.65 29.24
N ASP A 23 -22.68 27.90 29.61
CA ASP A 23 -21.61 28.34 30.53
C ASP A 23 -21.35 27.48 31.75
N GLU A 24 -22.39 27.05 32.46
CA GLU A 24 -22.18 26.28 33.69
C GLU A 24 -22.09 24.78 33.44
N TYR A 25 -21.24 24.41 32.47
CA TYR A 25 -20.89 23.01 32.13
C TYR A 25 -22.11 22.16 31.81
N LYS A 26 -23.20 22.77 31.34
CA LYS A 26 -24.45 22.06 31.09
C LYS A 26 -24.68 21.90 29.60
N VAL A 27 -24.80 20.65 29.15
CA VAL A 27 -25.23 20.36 27.78
C VAL A 27 -26.72 20.59 27.69
N PRO A 28 -27.20 21.43 26.78
CA PRO A 28 -28.64 21.65 26.65
C PRO A 28 -29.34 20.43 26.06
N SER A 29 -30.65 20.36 26.32
CA SER A 29 -31.50 19.31 25.80
C SER A 29 -32.69 19.97 25.11
N LYS A 30 -32.90 19.67 23.83
CA LYS A 30 -33.83 20.41 23.01
C LYS A 30 -34.66 19.45 22.17
N LYS A 31 -35.82 19.93 21.73
CA LYS A 31 -36.78 19.13 20.95
C LYS A 31 -36.68 19.54 19.50
N PHE A 32 -36.58 18.55 18.61
CA PHE A 32 -36.24 18.75 17.18
C PHE A 32 -37.33 18.19 16.27
N LYS A 33 -37.08 18.35 14.97
CA LYS A 33 -38.02 18.03 13.90
C LYS A 33 -37.45 16.94 13.02
N VAL A 34 -38.31 16.04 12.54
CA VAL A 34 -37.90 14.94 11.69
C VAL A 34 -38.67 15.04 10.37
N LEU A 35 -38.31 14.17 9.43
CA LEU A 35 -39.03 14.07 8.16
C LEU A 35 -39.47 12.65 7.88
N GLY A 36 -39.96 12.41 6.68
CA GLY A 36 -40.37 11.07 6.28
C GLY A 36 -41.83 10.80 6.56
N ASN A 37 -42.22 9.55 6.28
CA ASN A 37 -43.60 9.13 6.39
C ASN A 37 -43.97 8.59 7.77
N THR A 38 -43.05 8.60 8.73
CA THR A 38 -43.33 8.05 10.05
C THR A 38 -44.29 8.94 10.82
N ASP A 39 -44.95 8.34 11.81
CA ASP A 39 -45.86 9.08 12.67
C ASP A 39 -45.14 9.95 13.69
N ARG A 40 -43.88 9.65 13.98
CA ARG A 40 -43.11 10.49 14.88
C ARG A 40 -42.83 11.84 14.23
N HIS A 41 -42.95 12.91 15.01
CA HIS A 41 -42.74 14.25 14.50
C HIS A 41 -41.92 15.13 15.42
N SER A 42 -41.47 14.62 16.56
CA SER A 42 -40.66 15.40 17.49
C SER A 42 -39.82 14.43 18.30
N ILE A 43 -38.52 14.67 18.33
CA ILE A 43 -37.61 13.84 19.12
C ILE A 43 -36.81 14.74 20.05
N LYS A 44 -36.36 14.16 21.15
CA LYS A 44 -35.55 14.87 22.14
C LYS A 44 -34.16 14.27 22.14
N LYS A 45 -33.14 15.09 21.95
CA LYS A 45 -31.76 14.62 21.99
C LYS A 45 -30.91 15.70 22.66
N ASN A 46 -29.97 15.26 23.48
CA ASN A 46 -29.01 16.17 24.09
C ASN A 46 -28.02 16.66 23.03
N LEU A 47 -27.56 17.90 23.20
CA LEU A 47 -26.69 18.56 22.22
C LEU A 47 -25.23 18.16 22.47
N ILE A 48 -24.98 16.87 22.24
CA ILE A 48 -23.71 16.22 22.50
C ILE A 48 -23.68 14.98 21.61
N GLY A 49 -22.52 14.68 21.03
CA GLY A 49 -22.46 13.53 20.13
C GLY A 49 -21.06 13.26 19.62
N ALA A 50 -20.93 12.13 18.93
CA ALA A 50 -19.64 11.69 18.41
C ALA A 50 -19.84 11.05 17.03
N LEU A 51 -19.01 11.45 16.07
CA LEU A 51 -19.09 10.98 14.70
C LEU A 51 -18.00 9.93 14.46
N LEU A 52 -18.40 8.68 14.29
CA LEU A 52 -17.48 7.55 14.14
C LEU A 52 -17.45 7.11 12.69
N PHE A 53 -16.24 6.91 12.16
CA PHE A 53 -16.05 6.54 10.76
C PHE A 53 -14.86 5.60 10.63
N ASP A 54 -14.79 4.93 9.48
CA ASP A 54 -13.70 4.02 9.20
C ASP A 54 -12.43 4.85 8.98
N SER A 55 -11.29 4.27 9.34
CA SER A 55 -10.02 4.95 9.20
C SER A 55 -9.67 5.18 7.73
N GLY A 56 -9.01 6.30 7.47
CA GLY A 56 -8.62 6.62 6.11
C GLY A 56 -7.49 5.74 5.62
N GLU A 57 -7.53 5.39 4.35
CA GLU A 57 -6.50 4.57 3.75
C GLU A 57 -5.40 5.42 3.15
N THR A 58 -4.16 4.96 3.26
CA THR A 58 -3.07 5.58 2.53
C THR A 58 -3.15 5.20 1.06
N ALA A 59 -2.63 6.07 0.21
CA ALA A 59 -2.68 5.86 -1.23
C ALA A 59 -1.62 4.90 -1.75
N GLU A 60 -0.82 4.30 -0.85
CA GLU A 60 0.32 3.49 -1.28
C GLU A 60 -0.11 2.24 -2.04
N ARG A 61 -1.19 1.58 -1.59
CA ARG A 61 -1.63 0.35 -2.23
C ARG A 61 -2.16 0.64 -3.63
N THR A 62 -2.89 1.74 -3.77
CA THR A 62 -3.31 2.17 -5.10
C THR A 62 -2.12 2.52 -5.98
N ARG A 63 -1.05 3.06 -5.39
CA ARG A 63 0.14 3.37 -6.18
C ARG A 63 0.81 2.10 -6.70
N LEU A 64 0.95 1.08 -5.84
CA LEU A 64 1.59 -0.16 -6.26
C LEU A 64 0.75 -0.86 -7.32
N LYS A 65 -0.58 -0.82 -7.17
CA LYS A 65 -1.45 -1.35 -8.20
C LYS A 65 -1.36 -0.56 -9.50
N ARG A 66 -1.35 0.77 -9.41
CA ARG A 66 -1.28 1.59 -10.62
C ARG A 66 0.02 1.36 -11.38
N THR A 67 1.14 1.30 -10.66
CA THR A 67 2.42 1.01 -11.29
C THR A 67 2.42 -0.40 -11.89
N ALA A 68 1.76 -1.35 -11.24
CA ALA A 68 1.65 -2.69 -11.79
C ALA A 68 0.86 -2.68 -13.10
N ARG A 69 -0.26 -1.94 -13.13
CA ARG A 69 -1.05 -1.85 -14.34
C ARG A 69 -0.24 -1.26 -15.48
N ARG A 70 0.52 -0.21 -15.19
CA ARG A 70 1.36 0.39 -16.22
C ARG A 70 2.44 -0.59 -16.68
N ARG A 71 2.99 -1.37 -15.76
CA ARG A 71 3.99 -2.38 -16.08
C ARG A 71 3.46 -3.41 -17.07
N TYR A 72 2.33 -4.05 -16.72
CA TYR A 72 1.71 -5.02 -17.62
C TYR A 72 1.30 -4.41 -18.94
N THR A 73 0.86 -3.14 -18.94
CA THR A 73 0.48 -2.48 -20.18
C THR A 73 1.69 -2.30 -21.10
N ARG A 74 2.80 -1.84 -20.55
CA ARG A 74 3.97 -1.61 -21.38
C ARG A 74 4.62 -2.93 -21.80
N ARG A 75 4.56 -3.96 -20.96
CA ARG A 75 5.07 -5.26 -21.36
C ARG A 75 4.25 -5.85 -22.51
N LYS A 76 2.93 -5.74 -22.42
CA LYS A 76 2.07 -6.18 -23.52
C LYS A 76 2.35 -5.37 -24.77
N ASN A 77 2.67 -4.09 -24.61
CA ASN A 77 3.02 -3.27 -25.77
C ASN A 77 4.35 -3.72 -26.38
N ARG A 78 5.31 -4.13 -25.55
CA ARG A 78 6.58 -4.65 -26.08
C ARG A 78 6.34 -5.88 -26.93
N ILE A 79 5.53 -6.81 -26.41
CA ILE A 79 5.18 -8.00 -27.17
C ILE A 79 4.45 -7.60 -28.45
N CYS A 80 3.59 -6.59 -28.37
CA CYS A 80 2.84 -6.14 -29.54
C CYS A 80 3.77 -5.57 -30.60
N TYR A 81 4.79 -4.83 -30.18
CA TYR A 81 5.79 -4.32 -31.13
C TYR A 81 6.53 -5.46 -31.81
N LEU A 82 6.95 -6.47 -31.03
CA LEU A 82 7.69 -7.58 -31.63
C LEU A 82 6.81 -8.38 -32.59
N GLN A 83 5.54 -8.57 -32.24
CA GLN A 83 4.61 -9.23 -33.15
C GLN A 83 4.40 -8.39 -34.41
N GLU A 84 4.35 -7.07 -34.26
CA GLU A 84 4.21 -6.18 -35.41
C GLU A 84 5.41 -6.33 -36.34
N ILE A 85 6.60 -6.50 -35.77
CA ILE A 85 7.77 -6.75 -36.60
C ILE A 85 7.65 -8.08 -37.32
N PHE A 86 7.37 -9.15 -36.59
CA PHE A 86 7.44 -10.48 -37.22
C PHE A 86 6.23 -10.85 -38.06
N SER A 87 5.16 -10.06 -38.03
CA SER A 87 3.92 -10.44 -38.68
C SER A 87 4.09 -10.59 -40.19
N ASN A 88 4.83 -9.66 -40.81
CA ASN A 88 4.95 -9.62 -42.27
C ASN A 88 5.61 -10.87 -42.81
N GLU A 89 6.66 -11.35 -42.16
CA GLU A 89 7.31 -12.56 -42.64
C GLU A 89 6.61 -13.82 -42.17
N MET A 90 6.18 -13.89 -40.91
CA MET A 90 5.66 -15.20 -40.50
C MET A 90 4.20 -15.40 -40.89
N ALA A 91 3.53 -14.40 -41.47
CA ALA A 91 2.27 -14.66 -42.14
C ALA A 91 2.44 -15.59 -43.32
N LYS A 92 3.64 -15.62 -43.91
CA LYS A 92 3.93 -16.53 -45.00
C LYS A 92 3.92 -17.98 -44.53
N VAL A 93 4.46 -18.24 -43.34
CA VAL A 93 4.58 -19.61 -42.86
C VAL A 93 3.39 -20.01 -41.99
N ASP A 94 2.91 -19.13 -41.10
CA ASP A 94 1.77 -19.44 -40.26
C ASP A 94 1.13 -18.13 -39.83
N ASP A 95 0.05 -17.76 -40.49
CA ASP A 95 -0.63 -16.51 -40.18
C ASP A 95 -1.36 -16.57 -38.84
N SER A 96 -1.83 -17.75 -38.46
CA SER A 96 -2.60 -17.93 -37.23
C SER A 96 -1.73 -18.16 -36.01
N PHE A 97 -0.41 -17.96 -36.13
CA PHE A 97 0.49 -18.28 -35.04
C PHE A 97 0.27 -17.37 -33.84
N PHE A 98 0.25 -16.06 -34.08
CA PHE A 98 -0.11 -15.12 -33.01
C PHE A 98 -1.52 -15.34 -32.53
N HIS A 99 -2.41 -15.76 -33.44
CA HIS A 99 -3.78 -16.04 -33.08
C HIS A 99 -3.86 -17.20 -32.10
N ARG A 100 -3.10 -18.28 -32.37
CA ARG A 100 -3.06 -19.40 -31.43
C ARG A 100 -2.42 -19.00 -30.12
N LEU A 101 -1.41 -18.13 -30.18
CA LEU A 101 -0.76 -17.67 -28.95
C LEU A 101 -1.74 -16.90 -28.07
N GLU A 102 -2.54 -16.03 -28.67
CA GLU A 102 -3.50 -15.26 -27.89
C GLU A 102 -4.70 -16.10 -27.46
N GLU A 103 -5.02 -17.17 -28.19
CA GLU A 103 -6.13 -18.03 -27.82
C GLU A 103 -5.69 -19.24 -27.00
N SER A 104 -4.41 -19.31 -26.62
CA SER A 104 -3.90 -20.45 -25.86
C SER A 104 -4.61 -20.63 -24.51
N PHE A 105 -5.16 -19.56 -23.94
CA PHE A 105 -5.86 -19.70 -22.67
C PHE A 105 -7.19 -20.44 -22.82
N LEU A 106 -7.83 -20.35 -23.97
CA LEU A 106 -9.16 -20.90 -24.17
C LEU A 106 -9.13 -22.42 -24.14
N VAL A 107 -10.29 -23.00 -23.82
CA VAL A 107 -10.48 -24.43 -23.89
C VAL A 107 -10.59 -24.83 -25.36
N GLU A 108 -10.55 -26.13 -25.64
CA GLU A 108 -10.36 -26.63 -27.00
C GLU A 108 -11.49 -26.19 -27.93
N GLU A 109 -12.73 -26.20 -27.45
CA GLU A 109 -13.83 -25.74 -28.28
C GLU A 109 -13.81 -24.22 -28.43
N ASP A 110 -13.33 -23.49 -27.42
CA ASP A 110 -13.34 -22.04 -27.50
C ASP A 110 -12.26 -21.51 -28.44
N LYS A 111 -11.16 -22.25 -28.60
CA LYS A 111 -10.12 -21.84 -29.53
C LYS A 111 -10.62 -21.89 -30.96
N LYS A 112 -10.26 -20.88 -31.75
CA LYS A 112 -10.63 -20.87 -33.16
C LYS A 112 -9.69 -21.68 -34.03
N HIS A 113 -8.60 -22.20 -33.45
CA HIS A 113 -7.62 -22.99 -34.19
C HIS A 113 -7.27 -24.20 -33.34
N GLU A 114 -6.22 -24.91 -33.75
CA GLU A 114 -5.80 -26.13 -33.06
C GLU A 114 -5.29 -25.82 -31.67
N ARG A 115 -5.54 -26.74 -30.73
CA ARG A 115 -5.20 -26.53 -29.33
C ARG A 115 -3.70 -26.55 -29.05
N HIS A 116 -2.88 -26.96 -30.02
CA HIS A 116 -1.43 -26.90 -29.85
C HIS A 116 -0.93 -25.60 -30.44
N PRO A 117 -0.43 -24.67 -29.62
CA PRO A 117 -0.17 -23.32 -30.15
C PRO A 117 1.06 -23.24 -31.03
N ILE A 118 2.12 -23.97 -30.69
CA ILE A 118 3.43 -23.71 -31.30
C ILE A 118 3.48 -24.25 -32.73
N PHE A 119 2.86 -25.40 -32.99
CA PHE A 119 2.89 -25.95 -34.34
C PHE A 119 1.51 -26.26 -34.92
N GLY A 120 0.46 -26.33 -34.12
CA GLY A 120 -0.84 -26.64 -34.66
C GLY A 120 -1.07 -28.10 -35.00
N ASN A 121 -0.23 -29.00 -34.48
CA ASN A 121 -0.41 -30.43 -34.68
C ASN A 121 0.32 -31.15 -33.57
N ILE A 122 -0.15 -32.37 -33.26
CA ILE A 122 0.28 -33.05 -32.05
C ILE A 122 1.73 -33.54 -32.16
N VAL A 123 2.09 -34.14 -33.29
CA VAL A 123 3.38 -34.83 -33.36
C VAL A 123 4.53 -33.84 -33.39
N ASP A 124 4.37 -32.71 -34.09
CA ASP A 124 5.42 -31.69 -34.12
C ASP A 124 5.59 -31.05 -32.75
N GLU A 125 4.48 -30.80 -32.05
CA GLU A 125 4.56 -30.21 -30.72
C GLU A 125 5.22 -31.16 -29.73
N VAL A 126 4.90 -32.45 -29.81
CA VAL A 126 5.52 -33.44 -28.95
C VAL A 126 7.01 -33.56 -29.25
N ALA A 127 7.38 -33.54 -30.54
CA ALA A 127 8.78 -33.59 -30.92
C ALA A 127 9.55 -32.36 -30.43
N TYR A 128 8.91 -31.19 -30.50
CA TYR A 128 9.54 -29.98 -29.98
C TYR A 128 9.76 -30.08 -28.47
N HIS A 129 8.73 -30.54 -27.74
CA HIS A 129 8.86 -30.64 -26.29
C HIS A 129 9.89 -31.67 -25.88
N GLU A 130 10.03 -32.75 -26.65
CA GLU A 130 11.07 -33.72 -26.36
C GLU A 130 12.45 -33.15 -26.68
N LYS A 131 12.57 -32.41 -27.78
CA LYS A 131 13.87 -31.87 -28.18
C LYS A 131 14.30 -30.71 -27.28
N TYR A 132 13.36 -29.90 -26.83
CA TYR A 132 13.64 -28.76 -25.95
C TYR A 132 12.79 -28.92 -24.70
N PRO A 133 13.31 -29.56 -23.65
CA PRO A 133 12.52 -29.77 -22.44
C PRO A 133 12.09 -28.48 -21.75
N THR A 134 12.85 -27.42 -21.89
CA THR A 134 12.47 -26.08 -21.46
C THR A 134 12.75 -25.12 -22.61
N ILE A 135 12.25 -23.89 -22.47
CA ILE A 135 12.57 -22.84 -23.43
C ILE A 135 14.06 -22.54 -23.42
N TYR A 136 14.71 -22.74 -22.27
CA TYR A 136 16.15 -22.47 -22.17
C TYR A 136 16.98 -23.41 -23.03
N HIS A 137 16.50 -24.63 -23.25
CA HIS A 137 17.15 -25.48 -24.27
C HIS A 137 17.06 -24.84 -25.65
N LEU A 138 15.91 -24.23 -25.97
CA LEU A 138 15.79 -23.55 -27.25
C LEU A 138 16.71 -22.34 -27.31
N ARG A 139 16.80 -21.58 -26.22
CA ARG A 139 17.67 -20.41 -26.18
C ARG A 139 19.13 -20.80 -26.38
N LYS A 140 19.61 -21.80 -25.63
CA LYS A 140 20.98 -22.25 -25.78
C LYS A 140 21.24 -22.83 -27.16
N LYS A 141 20.29 -23.59 -27.71
CA LYS A 141 20.45 -24.14 -29.04
C LYS A 141 20.54 -23.04 -30.09
N LEU A 142 19.72 -22.02 -29.97
CA LEU A 142 19.73 -20.94 -30.96
C LEU A 142 20.98 -20.07 -30.83
N VAL A 143 21.48 -19.89 -29.62
CA VAL A 143 22.73 -19.15 -29.44
C VAL A 143 23.91 -19.92 -30.01
N ASP A 144 24.01 -21.21 -29.68
CA ASP A 144 25.23 -21.94 -29.96
C ASP A 144 25.27 -22.44 -31.40
N SER A 145 24.17 -23.00 -31.89
CA SER A 145 24.18 -23.57 -33.23
C SER A 145 24.13 -22.47 -34.28
N THR A 146 24.79 -22.74 -35.40
CA THR A 146 24.78 -21.85 -36.54
C THR A 146 23.79 -22.28 -37.61
N ASP A 147 23.00 -23.32 -37.33
CA ASP A 147 22.06 -23.83 -38.32
C ASP A 147 20.84 -22.92 -38.44
N LYS A 148 20.19 -22.99 -39.60
CA LYS A 148 19.00 -22.19 -39.85
C LYS A 148 17.84 -22.62 -38.96
N ALA A 149 17.24 -21.66 -38.29
CA ALA A 149 16.14 -21.91 -37.38
C ALA A 149 14.79 -21.68 -38.04
N ASP A 150 13.77 -22.34 -37.48
CA ASP A 150 12.40 -21.98 -37.80
C ASP A 150 12.14 -20.60 -37.20
N LEU A 151 11.43 -19.76 -37.96
CA LEU A 151 11.10 -18.41 -37.50
C LEU A 151 10.26 -18.45 -36.23
N ARG A 152 9.42 -19.47 -36.08
CA ARG A 152 8.57 -19.57 -34.91
C ARG A 152 9.40 -19.73 -33.64
N LEU A 153 10.42 -20.59 -33.68
CA LEU A 153 11.28 -20.77 -32.51
C LEU A 153 12.05 -19.50 -32.20
N ILE A 154 12.46 -18.78 -33.24
CA ILE A 154 13.09 -17.47 -33.06
C ILE A 154 12.15 -16.52 -32.33
N TYR A 155 10.87 -16.53 -32.71
CA TYR A 155 9.93 -15.62 -32.08
C TYR A 155 9.66 -16.01 -30.63
N LEU A 156 9.60 -17.32 -30.34
CA LEU A 156 9.47 -17.74 -28.95
C LEU A 156 10.67 -17.30 -28.13
N ALA A 157 11.88 -17.45 -28.67
CA ALA A 157 13.07 -17.00 -27.95
C ALA A 157 13.03 -15.50 -27.71
N LEU A 158 12.64 -14.74 -28.72
CA LEU A 158 12.64 -13.28 -28.61
C LEU A 158 11.55 -12.79 -27.67
N ALA A 159 10.37 -13.40 -27.74
CA ALA A 159 9.26 -12.98 -26.88
C ALA A 159 9.53 -13.36 -25.45
N HIS A 160 10.12 -14.54 -25.23
CA HIS A 160 10.54 -14.89 -23.88
C HIS A 160 11.64 -13.97 -23.40
N MET A 161 12.49 -13.50 -24.31
CA MET A 161 13.56 -12.58 -23.93
C MET A 161 12.98 -11.26 -23.46
N ILE A 162 12.08 -10.66 -24.24
CA ILE A 162 11.64 -9.31 -23.90
C ILE A 162 10.53 -9.31 -22.86
N LYS A 163 9.75 -10.39 -22.76
CA LYS A 163 8.70 -10.44 -21.75
C LYS A 163 9.29 -10.50 -20.35
N PHE A 164 10.41 -11.21 -20.20
CA PHE A 164 11.14 -11.27 -18.95
C PHE A 164 12.54 -10.78 -19.28
N ARG A 165 12.74 -9.48 -19.25
CA ARG A 165 13.97 -8.91 -19.78
C ARG A 165 15.00 -8.58 -18.70
N GLY A 166 14.73 -8.88 -17.44
CA GLY A 166 15.70 -8.73 -16.39
C GLY A 166 15.85 -7.31 -15.92
N HIS A 167 16.55 -7.16 -14.79
CA HIS A 167 16.62 -5.85 -14.14
C HIS A 167 17.59 -4.93 -14.87
N PHE A 168 17.45 -3.64 -14.56
CA PHE A 168 18.18 -2.57 -15.24
C PHE A 168 19.09 -1.80 -14.29
N LEU A 169 19.47 -2.42 -13.17
CA LEU A 169 20.36 -1.74 -12.23
C LEU A 169 21.76 -1.56 -12.80
N ILE A 170 22.20 -2.45 -13.69
CA ILE A 170 23.52 -2.32 -14.31
C ILE A 170 23.41 -1.29 -15.41
N GLU A 171 24.11 -0.17 -15.23
CA GLU A 171 23.93 1.00 -16.08
C GLU A 171 24.74 0.97 -17.37
N GLY A 172 25.89 0.31 -17.38
CA GLY A 172 26.71 0.28 -18.57
C GLY A 172 26.41 -0.91 -19.47
N ASP A 173 27.03 -0.91 -20.63
CA ASP A 173 27.02 -2.07 -21.50
C ASP A 173 27.99 -3.12 -20.97
N LEU A 174 27.72 -4.37 -21.29
CA LEU A 174 28.50 -5.48 -20.74
C LEU A 174 28.36 -6.70 -21.64
N ASN A 175 29.48 -7.42 -21.81
CA ASN A 175 29.49 -8.74 -22.41
C ASN A 175 29.71 -9.81 -21.33
N PRO A 176 28.96 -10.91 -21.38
CA PRO A 176 29.00 -11.87 -20.26
C PRO A 176 30.25 -12.75 -20.22
N ASP A 177 30.88 -12.96 -21.37
CA ASP A 177 32.03 -13.85 -21.44
C ASP A 177 33.31 -13.24 -20.85
N ASN A 178 33.26 -12.02 -20.34
CA ASN A 178 34.39 -11.44 -19.63
C ASN A 178 34.57 -12.07 -18.25
N SER A 179 33.55 -12.73 -17.71
CA SER A 179 33.54 -13.16 -16.32
C SER A 179 34.51 -14.32 -16.09
N ASP A 180 34.83 -14.54 -14.82
CA ASP A 180 35.70 -15.63 -14.42
C ASP A 180 35.41 -15.94 -12.95
N VAL A 181 36.03 -17.02 -12.46
CA VAL A 181 35.95 -17.42 -11.06
C VAL A 181 36.45 -16.28 -10.16
N ASP A 182 35.93 -16.24 -8.92
CA ASP A 182 36.28 -15.24 -7.91
C ASP A 182 37.80 -15.07 -7.77
N LYS A 183 38.58 -16.13 -8.04
CA LYS A 183 40.04 -16.09 -8.10
C LYS A 183 40.60 -15.24 -9.28
N LEU A 184 39.76 -14.54 -10.04
CA LEU A 184 40.21 -13.69 -11.15
C LEU A 184 41.16 -12.58 -10.69
N PHE A 185 41.17 -12.25 -9.40
CA PHE A 185 42.06 -11.25 -8.83
C PHE A 185 43.54 -11.57 -9.04
N ILE A 186 43.89 -12.78 -9.49
CA ILE A 186 45.25 -13.04 -9.94
C ILE A 186 45.60 -12.16 -11.14
N GLN A 187 44.60 -11.81 -11.97
CA GLN A 187 44.84 -10.85 -13.04
C GLN A 187 45.15 -9.46 -12.48
N LEU A 188 44.47 -9.08 -11.39
CA LEU A 188 44.80 -7.84 -10.70
C LEU A 188 46.22 -7.87 -10.13
N VAL A 189 46.62 -9.03 -9.60
CA VAL A 189 47.99 -9.18 -9.09
C VAL A 189 49.00 -9.04 -10.22
N GLN A 190 48.76 -9.72 -11.34
CA GLN A 190 49.72 -9.76 -12.44
C GLN A 190 49.52 -8.65 -13.46
N THR A 191 48.64 -7.69 -13.19
CA THR A 191 48.44 -6.57 -14.10
C THR A 191 49.63 -5.61 -14.06
N GLY A 205 44.86 -17.65 -2.59
CA GLY A 205 43.97 -16.73 -1.90
C GLY A 205 42.62 -17.33 -1.57
N VAL A 206 41.73 -16.50 -1.03
CA VAL A 206 40.39 -16.91 -0.65
C VAL A 206 39.39 -16.04 -1.42
N ASP A 207 38.24 -16.63 -1.76
CA ASP A 207 37.17 -15.89 -2.42
C ASP A 207 36.67 -14.75 -1.54
N ALA A 208 36.09 -13.73 -2.20
CA ALA A 208 35.82 -12.45 -1.57
C ALA A 208 34.78 -12.52 -0.45
N LYS A 209 33.93 -13.55 -0.46
CA LYS A 209 32.80 -13.62 0.48
C LYS A 209 33.25 -13.70 1.94
N ALA A 210 34.46 -14.23 2.18
CA ALA A 210 35.01 -14.25 3.53
C ALA A 210 35.31 -12.84 4.02
N ILE A 211 35.69 -11.94 3.11
CA ILE A 211 35.95 -10.55 3.47
C ILE A 211 34.64 -9.76 3.51
N LEU A 212 33.69 -10.11 2.65
CA LEU A 212 32.40 -9.42 2.60
C LEU A 212 31.58 -9.65 3.87
N SER A 213 30.43 -8.96 3.90
CA SER A 213 29.47 -9.01 5.01
C SER A 213 30.11 -8.60 6.34
N ALA A 214 30.86 -7.49 6.29
CA ALA A 214 31.52 -6.96 7.48
C ALA A 214 31.47 -5.44 7.43
N ARG A 215 32.12 -4.83 8.42
CA ARG A 215 32.24 -3.38 8.49
C ARG A 215 33.09 -2.85 7.33
N LEU A 216 32.76 -1.65 6.86
CA LEU A 216 33.50 -1.01 5.78
C LEU A 216 33.61 0.48 6.05
N SER A 217 34.78 1.03 5.77
CA SER A 217 35.08 2.46 5.92
C SER A 217 36.39 2.75 5.20
N LYS A 218 36.77 4.03 5.16
CA LYS A 218 38.05 4.41 4.58
C LYS A 218 39.21 3.79 5.35
N SER A 219 39.12 3.76 6.68
CA SER A 219 40.17 3.17 7.49
C SER A 219 40.17 1.65 7.35
N ARG A 220 38.98 1.05 7.23
CA ARG A 220 38.91 -0.39 6.98
C ARG A 220 39.49 -0.73 5.62
N ARG A 221 39.23 0.13 4.62
CA ARG A 221 39.85 -0.04 3.30
C ARG A 221 41.36 0.03 3.41
N LEU A 222 41.87 1.02 4.13
CA LEU A 222 43.31 1.20 4.28
C LEU A 222 43.94 0.00 4.96
N GLU A 223 43.34 -0.48 6.05
CA GLU A 223 43.92 -1.61 6.77
C GLU A 223 43.78 -2.91 5.97
N ASN A 224 42.72 -3.06 5.16
CA ASN A 224 42.59 -4.25 4.34
C ASN A 224 43.62 -4.27 3.21
N LEU A 225 43.87 -3.12 2.60
CA LEU A 225 44.91 -3.05 1.56
C LEU A 225 46.29 -3.27 2.15
N ILE A 226 46.58 -2.67 3.32
CA ILE A 226 47.90 -2.82 3.92
C ILE A 226 48.11 -4.23 4.46
N ALA A 227 47.02 -4.92 4.85
CA ALA A 227 47.14 -6.30 5.30
C ALA A 227 47.60 -7.24 4.20
N GLN A 228 47.34 -6.89 2.94
CA GLN A 228 47.91 -7.61 1.82
C GLN A 228 49.31 -7.09 1.53
N LEU A 229 50.09 -7.91 0.82
CA LEU A 229 51.53 -7.66 0.68
C LEU A 229 51.78 -6.44 -0.22
N PRO A 230 52.56 -5.47 0.22
CA PRO A 230 52.93 -4.34 -0.63
C PRO A 230 54.05 -4.73 -1.60
N GLY A 231 54.40 -3.76 -2.44
CA GLY A 231 55.46 -3.99 -3.42
C GLY A 231 55.77 -2.73 -4.18
N GLU A 232 56.35 -2.91 -5.37
CA GLU A 232 56.51 -1.79 -6.29
C GLU A 232 55.16 -1.25 -6.74
N LYS A 233 54.22 -2.15 -7.01
CA LYS A 233 52.82 -1.79 -7.18
C LYS A 233 52.21 -1.44 -5.82
N LYS A 234 50.97 -0.93 -5.86
CA LYS A 234 50.27 -0.57 -4.62
C LYS A 234 50.14 -1.77 -3.69
N ASN A 235 49.98 -2.96 -4.25
CA ASN A 235 50.16 -4.21 -3.52
C ASN A 235 51.03 -5.13 -4.36
N GLY A 236 51.94 -5.85 -3.69
CA GLY A 236 52.71 -6.87 -4.38
C GLY A 236 51.90 -8.13 -4.56
N LEU A 237 51.06 -8.44 -3.57
CA LEU A 237 50.04 -9.47 -3.65
C LEU A 237 48.74 -8.88 -3.13
N PHE A 238 47.67 -8.98 -3.93
CA PHE A 238 46.48 -8.19 -3.64
C PHE A 238 45.49 -8.92 -2.73
N GLY A 239 45.60 -10.24 -2.59
CA GLY A 239 44.84 -11.00 -1.62
C GLY A 239 43.33 -10.87 -1.65
N ASN A 240 42.76 -10.61 -2.83
CA ASN A 240 41.31 -10.42 -3.03
C ASN A 240 40.77 -9.29 -2.15
N LEU A 241 41.50 -8.17 -2.14
CA LEU A 241 41.20 -7.00 -1.32
C LEU A 241 39.89 -6.32 -1.73
N ILE A 242 39.45 -5.39 -0.88
CA ILE A 242 38.09 -4.86 -0.93
C ILE A 242 37.93 -3.76 -1.98
N ALA A 243 38.90 -2.83 -2.07
CA ALA A 243 38.65 -1.53 -2.69
C ALA A 243 38.49 -1.60 -4.20
N LEU A 244 39.21 -2.48 -4.86
CA LEU A 244 39.19 -2.58 -6.31
C LEU A 244 38.07 -3.46 -6.85
N SER A 245 37.65 -4.45 -6.06
CA SER A 245 36.58 -5.34 -6.46
C SER A 245 35.23 -4.76 -6.06
N LEU A 246 35.16 -4.16 -4.87
CA LEU A 246 33.92 -3.65 -4.27
C LEU A 246 33.96 -2.13 -4.16
N GLY A 247 32.91 -1.50 -4.67
CA GLY A 247 32.78 -0.05 -4.62
C GLY A 247 32.71 0.40 -3.17
N LEU A 248 33.57 1.33 -2.79
CA LEU A 248 33.67 1.73 -1.39
C LEU A 248 32.43 2.51 -0.96
N THR A 249 32.23 2.56 0.36
CA THR A 249 31.10 3.30 0.91
C THR A 249 31.30 4.80 0.80
N ASP A 272 32.82 7.76 -15.22
CA ASP A 272 33.11 8.87 -16.12
C ASP A 272 33.69 10.04 -15.36
N ASP A 273 33.34 10.16 -14.08
CA ASP A 273 34.00 11.13 -13.21
C ASP A 273 35.39 10.65 -12.85
N ASP A 274 36.31 11.62 -12.71
CA ASP A 274 37.75 11.38 -12.50
C ASP A 274 38.36 10.55 -13.62
N LEU A 275 37.79 10.62 -14.82
CA LEU A 275 38.37 9.96 -15.98
C LEU A 275 39.66 10.64 -16.44
N ASP A 276 39.86 11.91 -16.06
CA ASP A 276 41.07 12.63 -16.41
C ASP A 276 42.32 12.03 -15.76
N ASN A 277 42.16 11.26 -14.69
CA ASN A 277 43.28 10.56 -14.08
C ASN A 277 43.85 9.49 -15.00
N ASP A 288 46.30 0.30 -16.29
CA ASP A 288 45.11 -0.53 -16.48
C ASP A 288 44.73 -1.24 -15.20
N LEU A 289 45.24 -0.75 -14.07
CA LEU A 289 44.75 -1.21 -12.77
C LEU A 289 43.27 -0.92 -12.60
N PHE A 290 42.83 0.24 -13.11
CA PHE A 290 41.41 0.59 -13.10
C PHE A 290 40.58 -0.38 -13.94
N LEU A 291 41.09 -0.78 -15.10
CA LEU A 291 40.34 -1.68 -15.97
C LEU A 291 40.29 -3.08 -15.38
N ALA A 292 41.39 -3.52 -14.77
CA ALA A 292 41.42 -4.81 -14.09
C ALA A 292 40.45 -4.81 -12.90
N ALA A 293 40.40 -3.71 -12.15
CA ALA A 293 39.44 -3.58 -11.06
C ALA A 293 38.01 -3.67 -11.56
N LYS A 294 37.72 -2.97 -12.66
CA LYS A 294 36.38 -3.00 -13.26
C LYS A 294 36.01 -4.42 -13.69
N ASN A 295 36.91 -5.08 -14.42
CA ASN A 295 36.62 -6.43 -14.91
C ASN A 295 36.51 -7.44 -13.77
N LEU A 296 37.27 -7.26 -12.68
CA LEU A 296 37.12 -8.15 -11.55
C LEU A 296 35.79 -7.91 -10.85
N SER A 297 35.33 -6.67 -10.83
CA SER A 297 33.97 -6.40 -10.32
C SER A 297 32.90 -7.06 -11.18
N ASP A 298 33.03 -6.99 -12.50
CA ASP A 298 32.08 -7.71 -13.37
C ASP A 298 32.14 -9.21 -13.15
N ALA A 299 33.35 -9.72 -12.88
CA ALA A 299 33.52 -11.15 -12.60
C ALA A 299 32.83 -11.54 -11.30
N ILE A 300 32.98 -10.75 -10.24
CA ILE A 300 32.36 -11.13 -8.98
C ILE A 300 30.84 -11.03 -9.05
N LEU A 301 30.29 -10.02 -9.76
CA LEU A 301 28.84 -10.01 -9.96
C LEU A 301 28.36 -11.22 -10.76
N LEU A 302 29.03 -11.51 -11.87
CA LEU A 302 28.55 -12.62 -12.70
C LEU A 302 28.79 -13.97 -12.05
N SER A 303 29.66 -14.04 -11.04
CA SER A 303 29.69 -15.24 -10.20
C SER A 303 28.61 -15.19 -9.12
N ASP A 304 28.15 -14.00 -8.72
CA ASP A 304 26.98 -13.93 -7.83
C ASP A 304 25.72 -14.47 -8.52
N ILE A 305 25.56 -14.20 -9.81
CA ILE A 305 24.38 -14.71 -10.50
C ILE A 305 24.63 -16.11 -11.07
N LEU A 306 25.68 -16.28 -11.86
CA LEU A 306 25.93 -17.54 -12.54
C LEU A 306 27.02 -18.34 -11.83
N ARG A 307 26.90 -19.66 -11.90
CA ARG A 307 27.85 -20.55 -11.23
C ARG A 307 29.08 -20.83 -12.08
N VAL A 308 28.90 -21.52 -13.20
CA VAL A 308 30.01 -22.09 -13.96
C VAL A 308 29.75 -21.88 -15.45
N ASN A 309 30.81 -21.47 -16.17
CA ASN A 309 30.70 -21.11 -17.59
C ASN A 309 31.88 -21.68 -18.38
N THR A 310 32.21 -22.94 -18.12
CA THR A 310 33.40 -23.55 -18.73
C THR A 310 33.26 -23.68 -20.24
N GLU A 311 32.17 -24.29 -20.70
CA GLU A 311 32.06 -24.69 -22.09
C GLU A 311 31.82 -23.43 -22.91
N ILE A 312 32.48 -23.33 -24.06
CA ILE A 312 32.53 -22.09 -24.82
C ILE A 312 31.18 -21.78 -25.47
N THR A 313 30.40 -20.92 -24.82
CA THR A 313 29.08 -20.57 -25.31
C THR A 313 28.81 -19.11 -24.96
N LYS A 314 27.96 -18.48 -25.75
CA LYS A 314 27.55 -17.10 -25.51
C LYS A 314 26.25 -17.00 -24.72
N ALA A 315 25.72 -18.11 -24.24
CA ALA A 315 24.48 -18.13 -23.46
C ALA A 315 24.69 -18.79 -22.10
N PRO A 316 25.55 -18.23 -21.24
CA PRO A 316 25.88 -18.92 -19.99
C PRO A 316 24.71 -19.07 -19.03
N LEU A 317 23.71 -18.19 -19.13
CA LEU A 317 22.49 -18.34 -18.34
C LEU A 317 21.76 -19.62 -18.69
N SER A 318 21.50 -19.83 -19.98
CA SER A 318 20.86 -21.05 -20.45
C SER A 318 21.69 -22.28 -20.10
N ALA A 319 23.01 -22.16 -20.19
CA ALA A 319 23.88 -23.27 -19.85
C ALA A 319 23.75 -23.66 -18.38
N SER A 320 23.81 -22.67 -17.48
CA SER A 320 23.70 -22.96 -16.06
C SER A 320 22.33 -23.52 -15.72
N MET A 321 21.29 -23.01 -16.37
CA MET A 321 19.96 -23.50 -16.04
C MET A 321 19.68 -24.88 -16.64
N ILE A 322 20.24 -25.19 -17.81
CA ILE A 322 20.16 -26.56 -18.31
C ILE A 322 20.93 -27.50 -17.41
N LYS A 323 22.05 -27.03 -16.83
CA LYS A 323 22.72 -27.81 -15.80
C LYS A 323 21.81 -28.05 -14.60
N ARG A 324 21.06 -27.03 -14.20
CA ARG A 324 20.06 -27.18 -13.13
C ARG A 324 19.01 -28.22 -13.50
N TYR A 325 18.51 -28.14 -14.74
CA TYR A 325 17.47 -29.07 -15.21
C TYR A 325 17.97 -30.51 -15.20
N ASP A 326 19.19 -30.72 -15.71
CA ASP A 326 19.72 -32.07 -15.80
C ASP A 326 20.05 -32.63 -14.42
N GLU A 327 20.53 -31.78 -13.51
CA GLU A 327 20.71 -32.21 -12.13
C GLU A 327 19.39 -32.61 -11.52
N HIS A 328 18.32 -31.86 -11.81
CA HIS A 328 17.00 -32.19 -11.29
C HIS A 328 16.54 -33.53 -11.83
N HIS A 329 16.81 -33.80 -13.11
CA HIS A 329 16.43 -35.07 -13.73
C HIS A 329 17.15 -36.22 -13.05
N GLN A 330 18.47 -36.10 -12.89
CA GLN A 330 19.26 -37.18 -12.29
C GLN A 330 18.86 -37.40 -10.83
N ASP A 331 18.64 -36.31 -10.09
CA ASP A 331 18.27 -36.45 -8.69
C ASP A 331 16.87 -37.00 -8.53
N LEU A 332 15.96 -36.69 -9.46
CA LEU A 332 14.62 -37.28 -9.42
C LEU A 332 14.69 -38.78 -9.67
N THR A 333 15.50 -39.20 -10.64
CA THR A 333 15.66 -40.63 -10.89
C THR A 333 16.26 -41.34 -9.68
N LEU A 334 17.28 -40.74 -9.06
CA LEU A 334 17.87 -41.32 -7.87
C LEU A 334 16.88 -41.35 -6.71
N LEU A 335 16.06 -40.31 -6.57
CA LEU A 335 15.03 -40.29 -5.55
C LEU A 335 14.05 -41.43 -5.73
N LYS A 336 13.58 -41.63 -6.96
CA LYS A 336 12.62 -42.70 -7.25
C LYS A 336 13.21 -44.06 -6.94
N ALA A 337 14.45 -44.29 -7.37
CA ALA A 337 15.10 -45.58 -7.10
C ALA A 337 15.28 -45.82 -5.61
N LEU A 338 15.72 -44.79 -4.86
CA LEU A 338 15.97 -44.96 -3.44
C LEU A 338 14.67 -45.17 -2.66
N VAL A 339 13.61 -44.43 -3.01
CA VAL A 339 12.36 -44.59 -2.26
C VAL A 339 11.71 -45.93 -2.61
N ARG A 340 11.86 -46.41 -3.84
CA ARG A 340 11.34 -47.73 -4.16
C ARG A 340 12.15 -48.82 -3.47
N GLN A 341 13.45 -48.60 -3.28
CA GLN A 341 14.28 -49.61 -2.64
C GLN A 341 14.02 -49.67 -1.13
N GLN A 342 13.85 -48.52 -0.48
CA GLN A 342 13.79 -48.51 0.98
C GLN A 342 12.38 -48.36 1.53
N LEU A 343 11.63 -47.34 1.11
CA LEU A 343 10.35 -47.00 1.73
C LEU A 343 9.24 -46.96 0.69
N PRO A 344 8.67 -48.10 0.34
CA PRO A 344 7.58 -48.12 -0.66
C PRO A 344 6.28 -47.52 -0.16
N GLU A 345 6.06 -47.46 1.15
CA GLU A 345 4.78 -46.98 1.66
C GLU A 345 4.64 -45.46 1.55
N LYS A 346 5.74 -44.72 1.65
CA LYS A 346 5.72 -43.27 1.52
C LYS A 346 5.89 -42.83 0.09
N TYR A 347 6.14 -43.77 -0.83
CA TYR A 347 6.20 -43.45 -2.25
C TYR A 347 4.85 -42.92 -2.74
N LYS A 348 3.76 -43.55 -2.29
CA LYS A 348 2.42 -43.08 -2.62
C LYS A 348 2.18 -41.67 -2.09
N GLU A 349 2.65 -41.41 -0.87
CA GLU A 349 2.45 -40.09 -0.27
C GLU A 349 3.26 -39.02 -1.02
N ILE A 350 4.53 -39.30 -1.30
CA ILE A 350 5.40 -38.27 -1.83
C ILE A 350 5.12 -38.01 -3.31
N PHE A 351 5.04 -39.06 -4.11
CA PHE A 351 5.00 -38.88 -5.56
C PHE A 351 3.59 -38.94 -6.12
N PHE A 352 2.57 -39.05 -5.28
CA PHE A 352 1.22 -38.97 -5.81
C PHE A 352 0.34 -37.95 -5.12
N ASP A 353 0.47 -37.81 -3.80
CA ASP A 353 -0.45 -36.96 -3.05
C ASP A 353 0.02 -35.51 -3.17
N GLN A 354 -0.81 -34.68 -3.80
CA GLN A 354 -0.49 -33.27 -3.97
C GLN A 354 -0.82 -32.43 -2.74
N SER A 355 -1.44 -33.01 -1.73
CA SER A 355 -1.85 -32.24 -0.56
C SER A 355 -0.89 -32.34 0.61
N LYS A 356 -0.10 -33.43 0.69
CA LYS A 356 0.77 -33.65 1.83
C LYS A 356 2.16 -33.07 1.63
N ASN A 357 2.30 -32.04 0.79
CA ASN A 357 3.50 -31.22 0.67
C ASN A 357 4.69 -32.05 0.19
N GLY A 358 4.42 -33.11 -0.58
CA GLY A 358 5.46 -33.93 -1.14
C GLY A 358 6.03 -33.33 -2.41
N TYR A 359 6.77 -34.16 -3.15
CA TYR A 359 7.26 -33.73 -4.45
C TYR A 359 6.11 -33.50 -5.41
N ALA A 360 5.07 -34.33 -5.32
CA ALA A 360 3.86 -34.05 -6.07
C ALA A 360 3.23 -32.76 -5.61
N GLY A 361 3.25 -32.51 -4.30
CA GLY A 361 2.86 -31.20 -3.79
C GLY A 361 3.80 -30.10 -4.24
N TYR A 362 5.09 -30.42 -4.41
CA TYR A 362 6.03 -29.40 -4.82
C TYR A 362 5.83 -28.99 -6.27
N ILE A 363 5.47 -29.93 -7.14
CA ILE A 363 5.28 -29.63 -8.55
C ILE A 363 3.84 -29.27 -8.83
N ASP A 364 2.93 -30.22 -8.57
CA ASP A 364 1.54 -30.01 -8.95
C ASP A 364 0.82 -29.06 -7.99
N GLY A 365 1.14 -29.15 -6.70
CA GLY A 365 0.53 -28.29 -5.70
C GLY A 365 1.28 -26.98 -5.56
N GLY A 366 0.92 -26.25 -4.51
CA GLY A 366 1.48 -24.93 -4.30
C GLY A 366 2.59 -24.88 -3.28
N ALA A 367 3.33 -25.97 -3.13
CA ALA A 367 4.41 -26.02 -2.15
C ALA A 367 5.58 -25.16 -2.60
N SER A 368 6.17 -24.45 -1.66
CA SER A 368 7.36 -23.66 -1.95
C SER A 368 8.59 -24.56 -1.91
N GLN A 369 9.73 -24.00 -2.34
CA GLN A 369 10.97 -24.75 -2.30
C GLN A 369 11.42 -25.00 -0.87
N GLU A 370 11.31 -23.99 -0.01
CA GLU A 370 11.78 -24.12 1.36
C GLU A 370 10.92 -25.10 2.15
N GLU A 371 9.60 -25.05 1.95
CA GLU A 371 8.71 -25.94 2.70
C GLU A 371 8.86 -27.38 2.22
N PHE A 372 9.06 -27.58 0.92
CA PHE A 372 9.32 -28.91 0.41
C PHE A 372 10.66 -29.44 0.92
N TYR A 373 11.66 -28.57 1.00
CA TYR A 373 12.94 -28.96 1.59
C TYR A 373 12.80 -29.37 3.04
N LYS A 374 12.05 -28.59 3.83
CA LYS A 374 11.89 -28.90 5.23
C LYS A 374 11.01 -30.12 5.45
N PHE A 375 10.17 -30.48 4.47
CA PHE A 375 9.43 -31.73 4.58
C PHE A 375 10.32 -32.92 4.23
N ILE A 376 11.05 -32.83 3.12
CA ILE A 376 11.84 -33.97 2.65
C ILE A 376 13.12 -34.16 3.44
N LYS A 377 13.53 -33.16 4.24
CA LYS A 377 14.79 -33.29 4.97
C LYS A 377 14.79 -34.39 6.02
N PRO A 378 13.78 -34.54 6.91
CA PRO A 378 13.81 -35.70 7.82
C PRO A 378 13.73 -37.03 7.10
N ILE A 379 13.05 -37.08 5.95
CA ILE A 379 12.91 -38.30 5.18
C ILE A 379 14.29 -38.78 4.71
N LEU A 380 15.10 -37.85 4.21
CA LEU A 380 16.46 -38.20 3.83
C LEU A 380 17.42 -38.20 5.01
N GLU A 381 16.97 -37.77 6.19
CA GLU A 381 17.82 -37.84 7.38
C GLU A 381 17.76 -39.22 8.03
N LYS A 382 16.56 -39.72 8.31
CA LYS A 382 16.49 -41.03 8.96
C LYS A 382 16.78 -42.17 7.99
N MET A 383 16.61 -41.95 6.70
CA MET A 383 16.92 -42.94 5.68
C MET A 383 18.31 -42.69 5.12
N ASP A 384 19.09 -43.74 4.98
CA ASP A 384 20.53 -43.64 4.73
C ASP A 384 20.87 -43.57 3.25
N GLY A 385 22.14 -43.21 2.97
CA GLY A 385 22.64 -43.16 1.62
C GLY A 385 22.35 -41.88 0.86
N THR A 386 22.04 -40.79 1.56
CA THR A 386 21.61 -39.55 0.94
C THR A 386 22.47 -38.38 1.40
N GLU A 387 23.77 -38.59 1.56
CA GLU A 387 24.65 -37.52 2.06
C GLU A 387 24.86 -36.45 1.00
N GLU A 388 25.00 -36.84 -0.27
CA GLU A 388 25.05 -35.87 -1.35
C GLU A 388 23.75 -35.11 -1.45
N LEU A 389 22.63 -35.80 -1.19
CA LEU A 389 21.33 -35.16 -1.17
C LEU A 389 21.24 -34.11 -0.07
N LEU A 390 21.74 -34.43 1.11
CA LEU A 390 21.75 -33.47 2.21
C LEU A 390 22.66 -32.28 1.92
N VAL A 391 23.81 -32.52 1.29
CA VAL A 391 24.71 -31.40 1.05
C VAL A 391 24.19 -30.54 -0.10
N LYS A 392 23.40 -31.09 -1.02
CA LYS A 392 22.74 -30.26 -2.01
C LYS A 392 21.55 -29.52 -1.45
N LEU A 393 20.83 -30.13 -0.50
CA LEU A 393 19.73 -29.44 0.17
C LEU A 393 20.25 -28.28 1.01
N ASN A 394 21.38 -28.47 1.69
CA ASN A 394 21.95 -27.41 2.50
C ASN A 394 22.52 -26.27 1.65
N ARG A 395 22.78 -26.54 0.37
CA ARG A 395 23.19 -25.50 -0.57
C ARG A 395 22.04 -24.87 -1.33
N GLU A 396 20.81 -25.37 -1.11
CA GLU A 396 19.61 -24.94 -1.84
C GLU A 396 19.80 -25.06 -3.35
N ASP A 397 20.44 -26.15 -3.76
CA ASP A 397 20.65 -26.44 -5.18
C ASP A 397 20.01 -27.76 -5.57
N LEU A 398 19.15 -28.30 -4.72
CA LEU A 398 18.58 -29.63 -4.90
C LEU A 398 17.23 -29.51 -5.60
N LEU A 399 17.11 -30.13 -6.77
CA LEU A 399 15.85 -30.22 -7.52
C LEU A 399 15.27 -28.85 -7.84
N ARG A 400 16.11 -27.93 -8.29
CA ARG A 400 15.65 -26.58 -8.58
C ARG A 400 14.85 -26.55 -9.88
N LYS A 401 13.90 -25.62 -9.94
CA LYS A 401 13.19 -25.34 -11.17
C LYS A 401 13.93 -24.27 -11.95
N GLN A 402 13.37 -23.87 -13.08
CA GLN A 402 14.00 -22.81 -13.88
C GLN A 402 13.46 -21.45 -13.43
N ARG A 403 12.16 -21.24 -13.57
CA ARG A 403 11.52 -20.00 -13.16
C ARG A 403 11.40 -20.02 -11.64
N THR A 404 12.25 -19.26 -10.97
CA THR A 404 12.34 -19.29 -9.54
C THR A 404 12.40 -17.86 -9.03
N PHE A 405 12.05 -17.69 -7.75
CA PHE A 405 12.01 -16.37 -7.13
C PHE A 405 13.38 -15.71 -7.07
N ASP A 406 14.47 -16.47 -7.17
CA ASP A 406 15.81 -15.93 -7.04
C ASP A 406 16.39 -15.44 -8.36
N ASN A 407 15.62 -15.51 -9.45
CA ASN A 407 16.12 -15.04 -10.75
C ASN A 407 16.22 -13.52 -10.84
N GLY A 408 15.70 -12.79 -9.85
CA GLY A 408 15.66 -11.35 -9.90
C GLY A 408 16.99 -10.64 -9.84
N SER A 409 18.09 -11.37 -9.70
CA SER A 409 19.41 -10.76 -9.69
C SER A 409 20.02 -10.63 -11.07
N ILE A 410 19.47 -11.31 -12.06
CA ILE A 410 20.12 -11.33 -13.39
C ILE A 410 19.88 -9.99 -14.09
N PRO A 411 20.91 -9.38 -14.68
CA PRO A 411 20.73 -8.10 -15.35
C PRO A 411 20.29 -8.27 -16.80
N HIS A 412 19.76 -7.17 -17.34
CA HIS A 412 19.26 -7.17 -18.71
C HIS A 412 20.37 -7.27 -19.75
N GLN A 413 21.63 -7.03 -19.37
CA GLN A 413 22.72 -7.13 -20.33
C GLN A 413 22.96 -8.57 -20.74
N ILE A 414 22.62 -9.53 -19.88
CA ILE A 414 22.77 -10.94 -20.22
C ILE A 414 21.81 -11.31 -21.34
N HIS A 415 20.54 -10.94 -21.18
CA HIS A 415 19.57 -11.15 -22.25
C HIS A 415 19.92 -10.37 -23.51
N LEU A 416 20.50 -9.17 -23.38
CA LEU A 416 21.01 -8.51 -24.58
C LEU A 416 22.10 -9.32 -25.26
N GLY A 417 23.02 -9.91 -24.50
CA GLY A 417 24.06 -10.69 -25.13
C GLY A 417 23.50 -11.91 -25.84
N GLU A 418 22.55 -12.60 -25.20
CA GLU A 418 21.91 -13.75 -25.85
C GLU A 418 21.12 -13.31 -27.07
N LEU A 419 20.44 -12.16 -26.99
CA LEU A 419 19.58 -11.69 -28.07
C LEU A 419 20.40 -11.19 -29.25
N HIS A 420 21.47 -10.45 -28.97
CA HIS A 420 22.41 -10.05 -30.01
C HIS A 420 23.02 -11.28 -30.65
N ALA A 421 23.32 -12.30 -29.84
CA ALA A 421 23.92 -13.52 -30.37
C ALA A 421 22.97 -14.25 -31.31
N ILE A 422 21.70 -14.39 -30.93
CA ILE A 422 20.79 -15.12 -31.81
C ILE A 422 20.51 -14.32 -33.09
N LEU A 423 20.49 -12.99 -33.00
CA LEU A 423 20.33 -12.24 -34.24
C LEU A 423 21.56 -12.33 -35.13
N ARG A 424 22.75 -12.32 -34.53
CA ARG A 424 23.97 -12.53 -35.31
C ARG A 424 24.02 -13.93 -35.93
N ARG A 425 23.44 -14.92 -35.26
CA ARG A 425 23.41 -16.26 -35.83
C ARG A 425 22.44 -16.34 -37.02
N GLN A 426 21.26 -15.77 -36.90
CA GLN A 426 20.20 -15.97 -37.89
C GLN A 426 20.11 -14.87 -38.92
N GLU A 427 21.05 -13.92 -38.91
CA GLU A 427 20.93 -12.77 -39.81
C GLU A 427 21.04 -13.17 -41.27
N ASP A 428 21.94 -14.12 -41.59
CA ASP A 428 22.14 -14.46 -42.99
C ASP A 428 21.00 -15.31 -43.54
N PHE A 429 20.38 -16.16 -42.70
CA PHE A 429 19.24 -16.94 -43.16
C PHE A 429 18.02 -16.05 -43.38
N TYR A 430 17.82 -15.08 -42.50
CA TYR A 430 16.65 -14.20 -42.57
C TYR A 430 17.15 -12.77 -42.67
N PRO A 431 17.21 -12.18 -43.88
CA PRO A 431 17.72 -10.81 -44.02
C PRO A 431 16.85 -9.77 -43.34
N PHE A 432 15.58 -10.10 -43.08
CA PHE A 432 14.69 -9.16 -42.39
C PHE A 432 15.23 -8.82 -41.01
N LEU A 433 15.81 -9.80 -40.32
CA LEU A 433 16.42 -9.54 -39.02
C LEU A 433 17.58 -8.56 -39.14
N LYS A 434 18.39 -8.71 -40.18
CA LYS A 434 19.50 -7.79 -40.40
C LYS A 434 18.99 -6.39 -40.75
N ASP A 435 17.79 -6.30 -41.34
CA ASP A 435 17.23 -5.01 -41.71
C ASP A 435 16.99 -4.11 -40.50
N ASN A 436 16.50 -4.66 -39.39
CA ASN A 436 16.13 -3.83 -38.25
C ASN A 436 16.55 -4.47 -36.93
N ARG A 437 17.80 -4.97 -36.89
CA ARG A 437 18.30 -5.64 -35.69
C ARG A 437 18.33 -4.70 -34.49
N GLU A 438 18.77 -3.46 -34.73
CA GLU A 438 18.86 -2.47 -33.68
C GLU A 438 17.49 -2.10 -33.11
N LYS A 439 16.41 -2.31 -33.86
CA LYS A 439 15.08 -2.01 -33.35
C LYS A 439 14.71 -2.95 -32.22
N ILE A 440 14.84 -4.26 -32.44
CA ILE A 440 14.52 -5.23 -31.39
C ILE A 440 15.51 -5.11 -30.24
N GLU A 441 16.78 -4.82 -30.56
CA GLU A 441 17.75 -4.51 -29.51
C GLU A 441 17.27 -3.34 -28.66
N LYS A 442 16.74 -2.31 -29.30
CA LYS A 442 16.20 -1.16 -28.58
C LYS A 442 15.01 -1.55 -27.71
N ILE A 443 14.12 -2.42 -28.23
CA ILE A 443 12.97 -2.86 -27.45
C ILE A 443 13.41 -3.53 -26.16
N LEU A 444 14.51 -4.28 -26.19
CA LEU A 444 15.04 -4.72 -24.90
C LEU A 444 15.57 -3.53 -24.10
N THR A 445 16.41 -2.69 -24.71
CA THR A 445 17.07 -1.67 -23.89
C THR A 445 16.18 -0.50 -23.50
N PHE A 446 15.04 -0.31 -24.15
CA PHE A 446 14.32 0.93 -23.95
C PHE A 446 13.60 0.94 -22.61
N ARG A 447 13.61 2.10 -21.96
CA ARG A 447 12.93 2.29 -20.70
C ARG A 447 12.43 3.72 -20.64
N ILE A 448 11.29 3.93 -20.00
CA ILE A 448 10.85 5.28 -19.69
C ILE A 448 11.79 5.84 -18.64
N PRO A 449 12.42 6.98 -18.88
CA PRO A 449 13.24 7.60 -17.83
C PRO A 449 12.40 7.98 -16.63
N TYR A 450 12.98 7.80 -15.43
CA TYR A 450 12.23 7.99 -14.20
C TYR A 450 11.76 9.42 -14.01
N TYR A 451 12.38 10.38 -14.68
CA TYR A 451 11.98 11.78 -14.58
C TYR A 451 10.96 12.18 -15.64
N VAL A 452 10.79 11.37 -16.68
CA VAL A 452 9.87 11.76 -17.76
C VAL A 452 8.43 11.60 -17.32
N GLY A 453 8.10 10.45 -16.75
CA GLY A 453 6.76 10.20 -16.27
C GLY A 453 5.89 9.47 -17.29
N PRO A 454 4.61 9.31 -16.96
CA PRO A 454 3.69 8.66 -17.89
C PRO A 454 3.56 9.44 -19.18
N LEU A 455 3.41 8.73 -20.28
CA LEU A 455 3.45 9.34 -21.61
C LEU A 455 2.05 9.76 -22.04
N ALA A 456 1.45 10.62 -21.25
CA ALA A 456 0.06 11.03 -21.45
C ALA A 456 -0.04 12.20 -22.41
N ARG A 457 -1.13 12.20 -23.17
CA ARG A 457 -1.50 13.32 -24.03
C ARG A 457 -2.38 14.30 -23.23
N GLY A 458 -1.84 14.72 -22.09
CA GLY A 458 -2.51 15.71 -21.27
C GLY A 458 -3.76 15.25 -20.56
N ASN A 459 -3.98 13.94 -20.46
CA ASN A 459 -5.21 13.43 -19.87
C ASN A 459 -5.03 12.86 -18.47
N SER A 460 -3.81 12.56 -18.07
CA SER A 460 -3.56 12.00 -16.75
C SER A 460 -3.64 13.08 -15.67
N ARG A 461 -3.76 12.62 -14.43
CA ARG A 461 -3.67 13.50 -13.28
C ARG A 461 -2.32 13.42 -12.60
N PHE A 462 -1.41 12.59 -13.10
CA PHE A 462 -0.04 12.54 -12.60
C PHE A 462 1.01 12.94 -13.61
N ALA A 463 0.72 12.86 -14.91
CA ALA A 463 1.75 13.02 -15.91
C ALA A 463 2.19 14.47 -16.04
N TRP A 464 3.45 14.64 -16.49
CA TRP A 464 4.05 15.94 -16.66
C TRP A 464 4.93 16.03 -17.91
N MET A 465 4.87 15.04 -18.80
CA MET A 465 5.73 15.04 -19.98
C MET A 465 5.35 16.18 -20.92
N THR A 466 6.32 16.57 -21.74
CA THR A 466 6.16 17.66 -22.70
C THR A 466 6.63 17.17 -24.07
N ARG A 467 5.71 16.71 -24.90
CA ARG A 467 6.09 16.30 -26.24
C ARG A 467 6.41 17.51 -27.11
N LYS A 468 7.37 17.33 -28.01
CA LYS A 468 7.66 18.32 -29.04
C LYS A 468 6.83 18.12 -30.30
N SER A 469 6.15 16.98 -30.43
CA SER A 469 5.37 16.70 -31.61
C SER A 469 4.23 15.76 -31.24
N GLU A 470 3.17 15.80 -32.04
CA GLU A 470 2.01 14.93 -31.84
C GLU A 470 2.19 13.63 -32.63
N GLU A 471 3.09 12.80 -32.12
CA GLU A 471 3.38 11.49 -32.67
C GLU A 471 3.18 10.42 -31.60
N THR A 472 2.76 9.24 -32.03
CA THR A 472 2.65 8.10 -31.13
C THR A 472 4.05 7.69 -30.70
N ILE A 473 4.30 7.70 -29.39
CA ILE A 473 5.64 7.43 -28.88
C ILE A 473 5.95 5.95 -29.04
N THR A 474 7.10 5.67 -29.64
CA THR A 474 7.65 4.34 -29.83
C THR A 474 9.01 4.30 -29.15
N PRO A 475 9.55 3.12 -28.82
CA PRO A 475 10.93 3.07 -28.31
C PRO A 475 11.96 3.58 -29.29
N TRP A 476 11.67 3.53 -30.59
CA TRP A 476 12.65 3.90 -31.59
C TRP A 476 12.80 5.41 -31.73
N ASN A 477 11.75 6.17 -31.41
CA ASN A 477 11.75 7.61 -31.61
C ASN A 477 11.38 8.37 -30.35
N PHE A 478 11.74 7.84 -29.18
CA PHE A 478 11.34 8.43 -27.91
C PHE A 478 11.95 9.81 -27.70
N GLU A 479 13.27 9.93 -27.82
CA GLU A 479 13.93 11.16 -27.41
C GLU A 479 13.71 12.29 -28.42
N GLU A 480 13.47 11.96 -29.68
CA GLU A 480 13.21 13.00 -30.67
C GLU A 480 11.80 13.56 -30.58
N VAL A 481 10.88 12.84 -29.95
CA VAL A 481 9.55 13.38 -29.69
C VAL A 481 9.52 14.11 -28.35
N VAL A 482 9.88 13.43 -27.28
CA VAL A 482 9.76 14.00 -25.95
C VAL A 482 10.91 14.97 -25.70
N ASP A 483 10.56 16.19 -25.30
CA ASP A 483 11.53 17.15 -24.79
C ASP A 483 11.96 16.65 -23.41
N LYS A 484 13.13 15.99 -23.36
CA LYS A 484 13.62 15.49 -22.08
C LYS A 484 14.00 16.64 -21.15
N GLY A 485 14.39 17.79 -21.70
CA GLY A 485 14.74 18.93 -20.88
C GLY A 485 13.60 19.49 -20.07
N ALA A 486 12.52 19.87 -20.76
CA ALA A 486 11.36 20.42 -20.07
C ALA A 486 10.71 19.39 -19.15
N SER A 487 10.64 18.14 -19.59
CA SER A 487 10.07 17.08 -18.76
C SER A 487 10.91 16.82 -17.52
N ALA A 488 12.24 16.81 -17.68
CA ALA A 488 13.14 16.54 -16.57
C ALA A 488 13.10 17.67 -15.56
N GLN A 489 13.06 18.92 -16.03
CA GLN A 489 12.96 20.01 -15.06
C GLN A 489 11.57 20.07 -14.44
N SER A 490 10.54 19.65 -15.19
CA SER A 490 9.20 19.62 -14.64
C SER A 490 9.07 18.58 -13.55
N PHE A 491 9.79 17.47 -13.66
CA PHE A 491 9.78 16.45 -12.60
C PHE A 491 10.18 17.06 -11.27
N ILE A 492 11.32 17.75 -11.23
CA ILE A 492 11.82 18.25 -9.96
C ILE A 492 11.05 19.50 -9.52
N GLU A 493 10.63 20.38 -10.44
CA GLU A 493 9.97 21.59 -9.97
C GLU A 493 8.55 21.34 -9.49
N ARG A 494 7.83 20.38 -10.09
CA ARG A 494 6.43 20.21 -9.75
C ARG A 494 6.22 19.62 -8.37
N MET A 495 7.28 19.08 -7.77
CA MET A 495 7.18 18.38 -6.51
C MET A 495 7.86 19.12 -5.35
N THR A 496 8.75 20.07 -5.66
CA THR A 496 9.36 20.92 -4.64
C THR A 496 8.46 22.09 -4.27
N ASN A 497 8.38 22.38 -2.97
CA ASN A 497 7.41 23.31 -2.40
C ASN A 497 7.70 24.77 -2.76
N PHE A 498 6.65 25.59 -2.70
CA PHE A 498 6.77 27.04 -2.69
C PHE A 498 7.05 27.55 -1.28
N ASP A 499 7.46 28.82 -1.20
CA ASP A 499 7.70 29.46 0.08
C ASP A 499 6.40 29.71 0.83
N LYS A 500 6.45 29.58 2.16
CA LYS A 500 5.28 29.84 2.99
C LYS A 500 4.85 31.30 2.99
N ASN A 501 5.76 32.23 2.68
CA ASN A 501 5.42 33.63 2.58
C ASN A 501 5.12 34.05 1.14
N LEU A 502 5.87 33.52 0.18
CA LEU A 502 5.63 33.79 -1.25
C LEU A 502 5.22 32.49 -1.92
N PRO A 503 3.91 32.24 -2.10
CA PRO A 503 3.46 30.97 -2.67
C PRO A 503 3.49 30.90 -4.19
N ASN A 504 4.02 31.91 -4.88
CA ASN A 504 4.10 31.87 -6.33
C ASN A 504 5.41 31.27 -6.82
N GLU A 505 6.47 31.34 -6.02
CA GLU A 505 7.81 30.96 -6.44
C GLU A 505 8.41 29.90 -5.53
N LYS A 506 9.35 29.14 -6.08
CA LYS A 506 9.99 28.03 -5.41
C LYS A 506 10.92 28.52 -4.30
N VAL A 507 11.15 27.65 -3.32
CA VAL A 507 12.15 27.95 -2.32
C VAL A 507 13.56 27.82 -2.92
N LEU A 508 14.51 28.44 -2.26
CA LEU A 508 15.87 28.57 -2.76
C LEU A 508 16.68 27.30 -2.52
N PRO A 509 17.67 27.03 -3.37
CA PRO A 509 18.68 26.03 -3.01
C PRO A 509 19.51 26.50 -1.81
N LYS A 510 19.99 25.52 -1.05
CA LYS A 510 20.80 25.82 0.12
C LYS A 510 22.14 26.46 -0.26
N HIS A 511 22.62 26.21 -1.49
CA HIS A 511 23.92 26.71 -1.92
C HIS A 511 23.81 27.68 -3.09
N SER A 512 22.65 28.29 -3.30
CA SER A 512 22.48 29.26 -4.38
C SER A 512 23.34 30.49 -4.11
N LEU A 513 24.00 30.99 -5.17
CA LEU A 513 25.23 31.77 -4.98
C LEU A 513 24.98 33.16 -4.42
N LEU A 514 24.08 33.95 -5.02
CA LEU A 514 23.74 35.23 -4.40
C LEU A 514 22.98 35.02 -3.10
N TYR A 515 22.21 33.93 -3.00
CA TYR A 515 21.67 33.54 -1.71
C TYR A 515 22.78 33.17 -0.74
N GLU A 516 23.85 32.54 -1.24
CA GLU A 516 24.94 32.19 -0.35
C GLU A 516 25.67 33.44 0.13
N TYR A 517 25.77 34.46 -0.72
CA TYR A 517 26.40 35.70 -0.29
C TYR A 517 25.50 36.46 0.67
N PHE A 518 24.18 36.39 0.46
CA PHE A 518 23.22 36.93 1.41
C PHE A 518 23.30 36.21 2.76
N THR A 519 23.44 34.89 2.73
CA THR A 519 23.54 34.11 3.96
C THR A 519 24.87 34.34 4.67
N VAL A 520 25.94 34.55 3.90
CA VAL A 520 27.24 34.92 4.49
C VAL A 520 27.15 36.30 5.13
N TYR A 521 26.45 37.23 4.49
CA TYR A 521 26.22 38.54 5.08
C TYR A 521 25.40 38.41 6.36
N ASN A 522 24.40 37.53 6.36
CA ASN A 522 23.57 37.30 7.54
C ASN A 522 24.39 36.70 8.67
N GLU A 523 25.27 35.74 8.36
CA GLU A 523 26.13 35.13 9.37
C GLU A 523 27.14 36.13 9.91
N LEU A 524 27.65 37.01 9.05
CA LEU A 524 28.62 38.02 9.47
C LEU A 524 27.95 39.07 10.35
N THR A 525 26.72 39.46 10.03
CA THR A 525 26.00 40.42 10.84
C THR A 525 25.57 39.79 12.17
N LYS A 526 25.13 38.54 12.13
CA LYS A 526 24.64 37.85 13.31
C LYS A 526 25.43 36.58 13.56
N GLY A 592 30.13 28.76 2.98
CA GLY A 592 30.76 27.53 2.52
C GLY A 592 31.13 27.58 1.05
N THR A 593 30.23 28.12 0.22
CA THR A 593 30.52 28.25 -1.21
C THR A 593 31.60 29.31 -1.44
N TYR A 594 31.72 30.26 -0.51
CA TYR A 594 32.86 31.18 -0.48
C TYR A 594 34.19 30.43 -0.41
N HIS A 595 34.22 29.29 0.29
CA HIS A 595 35.40 28.44 0.34
C HIS A 595 35.38 27.32 -0.68
N ASP A 596 34.28 27.15 -1.40
CA ASP A 596 34.11 26.00 -2.30
C ASP A 596 34.32 26.37 -3.77
N LEU A 597 33.60 27.38 -4.26
CA LEU A 597 33.73 27.78 -5.66
C LEU A 597 35.02 28.55 -5.89
N LEU A 598 35.72 28.91 -4.81
CA LEU A 598 37.09 29.38 -4.89
C LEU A 598 38.00 28.38 -5.61
N LYS A 599 37.72 27.08 -5.47
CA LYS A 599 38.49 26.08 -6.18
C LYS A 599 38.22 26.13 -7.68
N ILE A 600 36.93 26.21 -8.06
CA ILE A 600 36.58 26.14 -9.47
C ILE A 600 36.99 27.41 -10.21
N ILE A 601 36.75 28.58 -9.61
CA ILE A 601 37.15 29.83 -10.22
C ILE A 601 38.67 29.98 -10.20
N LYS A 602 39.34 29.40 -9.19
CA LYS A 602 40.76 29.59 -8.89
C LYS A 602 41.07 31.05 -8.58
N ASP A 603 40.09 31.78 -8.04
CA ASP A 603 40.28 33.16 -7.62
C ASP A 603 39.17 33.52 -6.65
N LYS A 604 39.51 34.33 -5.65
CA LYS A 604 38.54 34.77 -4.65
C LYS A 604 37.91 36.11 -5.02
N ASP A 605 38.67 37.00 -5.66
CA ASP A 605 38.14 38.30 -6.07
C ASP A 605 37.05 38.15 -7.12
N PHE A 606 37.26 37.27 -8.11
CA PHE A 606 36.23 37.05 -9.10
C PHE A 606 35.08 36.21 -8.56
N LEU A 607 35.31 35.46 -7.48
CA LEU A 607 34.19 34.88 -6.73
C LEU A 607 33.39 35.98 -6.05
N ASP A 608 34.06 37.05 -5.64
CA ASP A 608 33.38 38.21 -5.04
C ASP A 608 32.84 39.19 -6.08
N ASN A 609 32.78 38.79 -7.36
CA ASN A 609 32.20 39.65 -8.39
C ASN A 609 30.69 39.76 -8.16
N GLU A 610 30.15 40.96 -8.39
CA GLU A 610 28.79 41.29 -8.02
C GLU A 610 27.84 41.45 -9.20
N GLU A 611 28.32 41.99 -10.33
CA GLU A 611 27.43 42.43 -11.40
C GLU A 611 26.72 41.27 -12.08
N ASN A 612 27.47 40.23 -12.46
CA ASN A 612 26.94 39.15 -13.28
C ASN A 612 26.56 37.92 -12.45
N GLU A 613 25.96 38.11 -11.27
CA GLU A 613 25.77 37.00 -10.34
C GLU A 613 24.35 36.43 -10.35
N ASP A 614 23.43 37.02 -11.10
CA ASP A 614 22.14 36.37 -11.32
C ASP A 614 22.27 35.14 -12.23
N ILE A 615 23.08 35.23 -13.30
CA ILE A 615 23.35 34.01 -14.06
C ILE A 615 24.09 33.02 -13.18
N LEU A 616 24.95 33.51 -12.28
CA LEU A 616 25.67 32.65 -11.35
C LEU A 616 24.74 31.94 -10.36
N GLU A 617 23.64 32.59 -9.99
CA GLU A 617 22.51 31.85 -9.41
C GLU A 617 22.02 30.77 -10.35
N ASP A 618 21.99 31.05 -11.65
CA ASP A 618 21.28 30.08 -12.50
C ASP A 618 22.14 28.84 -12.80
N ILE A 619 23.49 28.94 -12.76
CA ILE A 619 24.28 27.70 -12.82
C ILE A 619 24.01 26.82 -11.61
N VAL A 620 24.08 27.38 -10.41
CA VAL A 620 23.92 26.55 -9.22
C VAL A 620 22.47 26.05 -9.11
N LEU A 621 21.52 26.79 -9.67
CA LEU A 621 20.16 26.27 -9.86
C LEU A 621 20.17 25.01 -10.72
N THR A 622 20.86 25.07 -11.87
CA THR A 622 20.97 23.91 -12.76
C THR A 622 21.59 22.72 -12.06
N LEU A 623 22.74 22.92 -11.42
CA LEU A 623 23.45 21.81 -10.80
C LEU A 623 22.81 21.34 -9.50
N THR A 624 21.85 22.09 -8.96
CA THR A 624 21.02 21.57 -7.89
C THR A 624 19.83 20.79 -8.41
N LEU A 625 19.33 21.14 -9.60
CA LEU A 625 18.16 20.44 -10.14
C LEU A 625 18.53 19.11 -10.78
N PHE A 626 19.48 19.12 -11.70
CA PHE A 626 19.72 17.97 -12.56
C PHE A 626 20.81 17.06 -11.99
N GLU A 627 20.83 15.82 -12.49
CA GLU A 627 21.82 14.83 -12.09
C GLU A 627 22.49 14.15 -13.28
N ASP A 628 21.80 14.12 -14.42
CA ASP A 628 22.31 13.42 -15.58
C ASP A 628 23.40 14.23 -16.27
N ARG A 629 24.39 13.51 -16.83
CA ARG A 629 25.54 14.14 -17.46
C ARG A 629 25.13 15.00 -18.64
N GLU A 630 24.37 14.41 -19.57
CA GLU A 630 23.95 15.12 -20.76
C GLU A 630 22.96 16.23 -20.41
N MET A 631 22.12 16.00 -19.40
CA MET A 631 21.16 17.04 -19.00
C MET A 631 21.86 18.23 -18.37
N ILE A 632 22.84 17.99 -17.50
CA ILE A 632 23.63 19.09 -16.95
C ILE A 632 24.41 19.80 -18.05
N GLU A 633 24.92 19.04 -19.03
CA GLU A 633 25.61 19.65 -20.16
C GLU A 633 24.67 20.52 -20.99
N GLU A 634 23.46 20.03 -21.24
CA GLU A 634 22.51 20.75 -22.09
C GLU A 634 21.96 21.99 -21.41
N ARG A 635 21.84 21.96 -20.08
CA ARG A 635 21.42 23.16 -19.37
C ARG A 635 22.59 24.05 -18.97
N LEU A 636 23.83 23.56 -19.11
CA LEU A 636 25.02 24.36 -18.92
C LEU A 636 25.51 24.97 -20.23
N LYS A 637 24.92 24.56 -21.36
CA LYS A 637 25.12 25.17 -22.68
C LYS A 637 25.08 26.70 -22.67
N THR A 638 24.23 27.27 -21.80
CA THR A 638 24.05 28.72 -21.73
C THR A 638 25.34 29.45 -21.38
N TYR A 639 26.24 28.81 -20.63
CA TYR A 639 27.40 29.51 -20.07
C TYR A 639 28.69 29.14 -20.79
N ALA A 640 28.60 28.68 -22.04
CA ALA A 640 29.75 28.10 -22.72
C ALA A 640 30.84 29.14 -22.99
N HIS A 641 30.44 30.35 -23.39
CA HIS A 641 31.43 31.33 -23.79
C HIS A 641 32.15 31.98 -22.62
N LEU A 642 31.61 31.87 -21.40
CA LEU A 642 32.27 32.51 -20.26
C LEU A 642 33.46 31.73 -19.73
N PHE A 643 33.56 30.45 -20.05
CA PHE A 643 34.59 29.60 -19.45
C PHE A 643 35.12 28.61 -20.50
N ASP A 644 36.33 28.14 -20.25
CA ASP A 644 36.95 27.16 -21.14
C ASP A 644 36.35 25.78 -20.91
N ASP A 645 36.74 24.84 -21.77
CA ASP A 645 36.11 23.52 -21.79
C ASP A 645 36.48 22.68 -20.57
N LYS A 646 37.76 22.72 -20.16
CA LYS A 646 38.19 21.86 -19.06
C LYS A 646 37.51 22.28 -17.76
N VAL A 647 37.41 23.58 -17.51
CA VAL A 647 36.84 24.05 -16.25
C VAL A 647 35.34 23.77 -16.17
N MET A 648 34.61 23.82 -17.29
CA MET A 648 33.18 23.55 -17.18
C MET A 648 32.85 22.06 -17.27
N LYS A 649 33.69 21.26 -17.95
CA LYS A 649 33.58 19.82 -17.85
C LYS A 649 33.99 19.30 -16.47
N GLN A 650 34.76 20.09 -15.71
CA GLN A 650 34.95 19.77 -14.30
C GLN A 650 33.82 20.33 -13.44
N LEU A 651 33.23 21.45 -13.86
CA LEU A 651 32.20 22.11 -13.08
C LEU A 651 30.89 21.36 -13.11
N LYS A 652 30.61 20.63 -14.21
CA LYS A 652 29.39 19.84 -14.29
C LYS A 652 29.33 18.72 -13.25
N ARG A 653 30.46 18.35 -12.67
CA ARG A 653 30.51 17.35 -11.59
C ARG A 653 30.02 17.91 -10.26
N ARG A 654 29.85 19.22 -10.13
CA ARG A 654 29.52 19.87 -8.86
C ARG A 654 28.03 19.74 -8.55
N ARG A 655 27.64 18.51 -8.20
CA ARG A 655 26.25 18.21 -7.85
C ARG A 655 25.89 18.81 -6.49
N TYR A 656 24.77 19.53 -6.44
CA TYR A 656 24.32 20.22 -5.24
C TYR A 656 23.14 19.51 -4.60
N THR A 657 23.09 19.57 -3.26
CA THR A 657 21.99 19.02 -2.48
C THR A 657 21.43 20.09 -1.55
N GLY A 658 20.17 19.90 -1.18
CA GLY A 658 19.51 20.74 -0.19
C GLY A 658 18.83 21.99 -0.74
N TRP A 659 17.64 22.26 -0.21
CA TRP A 659 16.86 23.43 -0.56
C TRP A 659 16.61 24.29 0.67
N GLY A 660 16.93 25.57 0.56
CA GLY A 660 16.79 26.50 1.68
C GLY A 660 15.37 27.03 1.78
N ARG A 661 14.82 27.03 2.99
CA ARG A 661 13.40 27.32 3.24
C ARG A 661 13.06 28.81 3.18
N LEU A 662 13.55 29.54 2.18
CA LEU A 662 13.25 30.95 2.09
C LEU A 662 12.83 31.34 0.68
N SER A 663 12.63 32.63 0.42
CA SER A 663 12.18 33.11 -0.86
C SER A 663 13.16 34.14 -1.44
N ARG A 664 13.04 34.38 -2.74
CA ARG A 664 13.83 35.41 -3.40
C ARG A 664 12.96 36.62 -3.76
N GLN A 674 5.53 43.88 14.32
CA GLN A 674 6.54 44.59 13.53
C GLN A 674 6.06 46.00 13.19
N SER A 675 6.84 47.00 13.61
CA SER A 675 6.51 48.41 13.38
C SER A 675 7.00 48.83 11.99
N GLY A 676 6.38 48.22 10.97
CA GLY A 676 6.80 48.43 9.61
C GLY A 676 8.02 47.65 9.19
N LYS A 677 8.58 46.84 10.08
CA LYS A 677 9.77 46.07 9.77
C LYS A 677 9.42 44.84 8.94
N THR A 678 10.27 44.52 7.98
CA THR A 678 10.22 43.22 7.34
C THR A 678 10.82 42.16 8.25
N ILE A 679 10.72 40.91 7.81
CA ILE A 679 11.21 39.79 8.62
C ILE A 679 12.72 39.85 8.77
N LEU A 680 13.43 40.35 7.75
CA LEU A 680 14.87 40.55 7.88
C LEU A 680 15.20 41.68 8.86
N ASP A 681 14.47 42.79 8.77
CA ASP A 681 14.71 43.91 9.68
C ASP A 681 14.34 43.55 11.11
N PHE A 682 13.26 42.79 11.29
CA PHE A 682 12.95 42.27 12.63
C PHE A 682 13.96 41.22 13.07
N LEU A 683 14.58 40.52 12.11
CA LEU A 683 15.63 39.57 12.42
C LEU A 683 16.92 40.27 12.84
N LYS A 684 17.11 41.52 12.44
CA LYS A 684 18.20 42.33 12.99
C LYS A 684 18.04 42.56 14.49
N SER A 685 16.81 42.45 15.00
CA SER A 685 16.52 42.47 16.43
C SER A 685 15.81 41.18 16.84
N ASP A 686 16.29 40.05 16.35
CA ASP A 686 15.64 38.77 16.55
C ASP A 686 15.65 38.35 18.01
N GLY A 687 14.55 37.72 18.44
CA GLY A 687 14.43 37.23 19.81
C GLY A 687 13.22 36.35 20.00
N ASP A 718 -9.58 30.27 -1.99
CA ASP A 718 -8.75 29.07 -2.07
C ASP A 718 -9.61 27.82 -1.90
N SER A 719 -9.10 26.69 -2.38
CA SER A 719 -9.82 25.42 -2.26
C SER A 719 -9.87 24.97 -0.82
N LEU A 720 -11.08 24.70 -0.31
CA LEU A 720 -11.22 24.13 1.02
C LEU A 720 -10.58 22.75 1.10
N HIS A 721 -10.67 21.98 0.02
CA HIS A 721 -10.04 20.66 -0.02
C HIS A 721 -8.52 20.77 -0.02
N GLU A 722 -7.96 21.49 -1.01
CA GLU A 722 -6.53 21.40 -1.27
C GLU A 722 -5.70 22.13 -0.22
N HIS A 723 -6.26 23.17 0.41
CA HIS A 723 -5.57 23.84 1.51
C HIS A 723 -5.37 22.93 2.70
N ILE A 724 -6.19 21.89 2.83
CA ILE A 724 -6.13 20.96 3.95
C ILE A 724 -5.42 19.67 3.57
N ALA A 725 -5.64 19.17 2.36
CA ALA A 725 -5.11 17.87 1.98
C ALA A 725 -3.60 17.90 1.77
N ASN A 726 -3.04 19.06 1.41
CA ASN A 726 -1.62 19.16 1.11
C ASN A 726 -0.72 18.98 2.33
N LEU A 727 -1.26 18.98 3.54
CA LEU A 727 -0.45 18.92 4.74
C LEU A 727 0.22 17.55 4.91
N ALA A 728 1.12 17.48 5.88
CA ALA A 728 1.72 16.23 6.31
C ALA A 728 0.72 15.42 7.15
N GLY A 729 1.21 14.38 7.81
CA GLY A 729 0.39 13.54 8.64
C GLY A 729 -0.29 12.44 7.86
N SER A 730 -0.89 11.52 8.60
CA SER A 730 -1.55 10.37 8.00
C SER A 730 -2.82 10.83 7.26
N PRO A 731 -3.21 10.11 6.21
CA PRO A 731 -4.49 10.40 5.55
C PRO A 731 -5.70 10.20 6.45
N ALA A 732 -5.57 9.42 7.52
CA ALA A 732 -6.71 9.19 8.42
C ALA A 732 -7.09 10.45 9.18
N ILE A 733 -6.10 11.17 9.72
CA ILE A 733 -6.42 12.40 10.43
C ILE A 733 -6.87 13.50 9.49
N LYS A 734 -6.48 13.44 8.20
CA LYS A 734 -7.03 14.37 7.23
C LYS A 734 -8.52 14.13 7.02
N LYS A 735 -8.93 12.87 6.94
CA LYS A 735 -10.35 12.54 6.87
C LYS A 735 -11.07 12.98 8.13
N GLY A 736 -10.42 12.83 9.29
CA GLY A 736 -11.01 13.30 10.53
C GLY A 736 -11.23 14.80 10.57
N ILE A 737 -10.25 15.58 10.12
CA ILE A 737 -10.45 17.04 10.14
C ILE A 737 -11.44 17.48 9.07
N LEU A 738 -11.53 16.79 7.93
CA LEU A 738 -12.61 17.14 6.99
C LEU A 738 -13.98 16.90 7.61
N GLN A 739 -14.14 15.78 8.31
CA GLN A 739 -15.38 15.54 9.05
C GLN A 739 -15.59 16.59 10.12
N THR A 740 -14.49 17.06 10.73
CA THR A 740 -14.58 18.08 11.78
C THR A 740 -15.01 19.43 11.20
N VAL A 741 -14.54 19.75 9.99
CA VAL A 741 -15.00 20.96 9.30
C VAL A 741 -16.49 20.87 9.02
N LYS A 742 -16.96 19.70 8.58
CA LYS A 742 -18.39 19.53 8.38
C LYS A 742 -19.17 19.59 9.69
N VAL A 743 -18.56 19.12 10.78
CA VAL A 743 -19.15 19.26 12.11
C VAL A 743 -19.31 20.73 12.48
N VAL A 744 -18.28 21.53 12.21
CA VAL A 744 -18.35 22.97 12.49
C VAL A 744 -19.45 23.63 11.67
N ASP A 745 -19.55 23.26 10.39
CA ASP A 745 -20.56 23.84 9.51
C ASP A 745 -21.96 23.49 10.01
N GLU A 746 -22.18 22.25 10.42
CA GLU A 746 -23.50 21.87 10.91
C GLU A 746 -23.81 22.49 12.26
N LEU A 747 -22.82 22.57 13.15
CA LEU A 747 -23.05 23.13 14.47
C LEU A 747 -23.29 24.64 14.42
N VAL A 748 -22.80 25.32 13.37
CA VAL A 748 -23.20 26.71 13.19
C VAL A 748 -24.48 26.83 12.39
N LYS A 749 -24.82 25.82 11.57
CA LYS A 749 -26.09 25.84 10.85
C LYS A 749 -27.27 25.69 11.80
N VAL A 750 -27.12 24.87 12.83
CA VAL A 750 -28.27 24.47 13.65
C VAL A 750 -28.80 25.63 14.47
N MET A 751 -27.91 26.37 15.14
CA MET A 751 -28.36 27.36 16.12
C MET A 751 -28.46 28.77 15.55
N GLY A 752 -29.21 28.92 14.46
CA GLY A 752 -29.53 30.24 13.94
C GLY A 752 -28.33 31.01 13.45
N ARG A 753 -27.26 30.32 13.04
CA ARG A 753 -25.99 30.91 12.61
C ARG A 753 -25.41 31.81 13.70
N HIS A 754 -25.30 31.25 14.91
CA HIS A 754 -24.68 31.93 16.05
C HIS A 754 -23.27 31.38 16.23
N LYS A 755 -22.28 32.26 16.12
CA LYS A 755 -20.89 31.83 16.24
C LYS A 755 -20.54 31.50 17.68
N PRO A 756 -19.79 30.45 17.92
CA PRO A 756 -19.36 30.11 19.28
C PRO A 756 -18.32 31.09 19.81
N GLU A 757 -18.20 31.13 21.13
CA GLU A 757 -17.20 31.96 21.78
C GLU A 757 -15.89 31.18 21.95
N LEU A 921 0.96 17.00 16.67
CA LEU A 921 1.49 18.17 17.34
C LEU A 921 1.67 19.31 16.35
N VAL A 922 2.64 19.15 15.45
CA VAL A 922 2.81 20.13 14.36
C VAL A 922 1.58 20.13 13.46
N GLU A 923 0.99 18.95 13.24
CA GLU A 923 -0.24 18.85 12.48
C GLU A 923 -1.36 19.65 13.12
N THR A 924 -1.56 19.51 14.44
CA THR A 924 -2.66 20.25 15.06
C THR A 924 -2.33 21.74 15.23
N ARG A 925 -1.05 22.11 15.27
CA ARG A 925 -0.70 23.51 15.17
C ARG A 925 -1.12 24.09 13.83
N GLN A 926 -0.94 23.31 12.75
CA GLN A 926 -1.48 23.72 11.45
C GLN A 926 -3.00 23.74 11.46
N ILE A 927 -3.62 22.78 12.15
CA ILE A 927 -5.07 22.66 12.19
C ILE A 927 -5.70 23.89 12.83
N THR A 928 -5.10 24.38 13.93
CA THR A 928 -5.63 25.53 14.62
C THR A 928 -5.64 26.77 13.73
N LYS A 929 -4.54 26.99 12.99
CA LYS A 929 -4.49 28.11 12.06
C LYS A 929 -5.49 27.94 10.92
N HIS A 930 -5.61 26.72 10.38
CA HIS A 930 -6.51 26.51 9.25
C HIS A 930 -7.97 26.61 9.64
N VAL A 931 -8.31 26.28 10.89
CA VAL A 931 -9.69 26.47 11.35
C VAL A 931 -9.93 27.90 11.82
N ALA A 932 -8.87 28.63 12.19
CA ALA A 932 -9.03 30.05 12.47
C ALA A 932 -9.15 30.87 11.20
N GLN A 933 -8.70 30.33 10.06
CA GLN A 933 -8.91 30.99 8.77
C GLN A 933 -10.39 31.11 8.42
N ILE A 934 -11.23 30.24 9.00
CA ILE A 934 -12.66 30.21 8.70
C ILE A 934 -13.32 31.54 9.05
N LEU A 935 -12.89 32.17 10.15
CA LEU A 935 -13.55 33.38 10.69
C LEU A 935 -13.57 34.52 9.69
N ASP A 936 -12.63 34.56 8.75
CA ASP A 936 -12.66 35.53 7.68
C ASP A 936 -12.84 34.91 6.30
N SER A 937 -12.76 33.58 6.17
CA SER A 937 -12.86 32.95 4.86
C SER A 937 -14.25 32.41 4.54
N ARG A 938 -15.07 32.09 5.55
CA ARG A 938 -16.26 31.28 5.30
C ARG A 938 -17.57 31.85 5.81
N MET A 939 -17.54 32.88 6.66
CA MET A 939 -18.79 33.50 7.12
C MET A 939 -19.48 34.28 6.01
N VAL A 953 -15.24 32.65 18.24
CA VAL A 953 -14.59 31.38 17.92
C VAL A 953 -13.11 31.46 18.26
N LYS A 954 -12.80 31.46 19.55
CA LYS A 954 -11.42 31.50 20.02
C LYS A 954 -10.87 30.08 20.03
N VAL A 955 -9.93 29.80 19.14
CA VAL A 955 -9.35 28.47 19.03
C VAL A 955 -8.36 28.27 20.18
N ILE A 956 -8.56 27.20 20.94
CA ILE A 956 -7.81 26.95 22.17
C ILE A 956 -7.10 25.61 22.03
N THR A 957 -5.81 25.58 22.35
CA THR A 957 -5.02 24.35 22.32
C THR A 957 -5.17 23.65 23.66
N LEU A 958 -5.95 22.57 23.68
CA LEU A 958 -6.28 21.88 24.91
C LEU A 958 -5.20 20.86 25.28
N LYS A 959 -5.21 20.46 26.55
CA LYS A 959 -4.33 19.42 27.07
C LYS A 959 -5.14 18.41 27.87
N SER A 960 -4.75 17.14 27.76
CA SER A 960 -5.51 16.05 28.37
C SER A 960 -5.28 15.91 29.87
N LYS A 961 -4.32 16.64 30.44
CA LYS A 961 -3.94 16.45 31.84
C LYS A 961 -5.07 16.86 32.78
N LEU A 962 -5.59 18.07 32.61
CA LEU A 962 -6.69 18.50 33.47
C LEU A 962 -7.98 17.77 33.14
N VAL A 963 -8.13 17.27 31.91
CA VAL A 963 -9.26 16.43 31.56
C VAL A 963 -9.23 15.14 32.39
N SER A 964 -8.06 14.50 32.48
CA SER A 964 -7.92 13.30 33.29
C SER A 964 -8.07 13.61 34.77
N ASP A 965 -7.59 14.78 35.21
CA ASP A 965 -7.75 15.18 36.60
C ASP A 965 -9.21 15.38 36.96
N PHE A 966 -9.98 16.01 36.06
CA PHE A 966 -11.42 16.17 36.28
C PHE A 966 -12.13 14.83 36.24
N ARG A 967 -11.66 13.90 35.40
CA ARG A 967 -12.27 12.57 35.36
C ARG A 967 -12.04 11.81 36.67
N LYS A 968 -10.81 11.87 37.20
CA LYS A 968 -10.51 11.12 38.42
C LYS A 968 -11.12 11.78 39.65
N ASP A 969 -11.01 13.10 39.76
CA ASP A 969 -11.48 13.80 40.95
C ASP A 969 -13.00 13.73 41.09
N PHE A 970 -13.72 13.89 39.98
CA PHE A 970 -15.17 13.86 40.01
C PHE A 970 -15.73 12.47 39.69
N GLN A 971 -14.89 11.44 39.77
CA GLN A 971 -15.26 10.01 39.75
C GLN A 971 -16.10 9.61 38.53
N PHE A 972 -15.63 10.01 37.35
CA PHE A 972 -16.04 9.40 36.09
C PHE A 972 -14.81 9.11 35.22
N TYR A 973 -14.36 7.86 35.26
CA TYR A 973 -13.10 7.49 34.63
C TYR A 973 -13.27 7.24 33.15
N LYS A 974 -12.22 7.53 32.39
CA LYS A 974 -12.22 7.34 30.95
C LYS A 974 -12.17 5.84 30.60
N VAL A 975 -13.08 5.40 29.73
CA VAL A 975 -13.21 3.98 29.41
C VAL A 975 -13.51 3.83 27.92
N ARG A 976 -12.73 2.97 27.24
CA ARG A 976 -13.00 2.51 25.88
C ARG A 976 -13.69 1.16 25.79
N GLU A 977 -13.51 0.29 26.78
CA GLU A 977 -13.88 -1.12 26.64
C GLU A 977 -15.39 -1.36 26.74
N ILE A 978 -16.13 -0.47 27.39
CA ILE A 978 -17.56 -0.69 27.57
C ILE A 978 -18.32 -0.26 26.33
N ASN A 979 -18.21 1.01 25.97
CA ASN A 979 -19.06 1.65 24.97
C ASN A 979 -18.34 2.82 24.31
N ASN A 980 -18.94 3.31 23.21
CA ASN A 980 -18.46 4.41 22.37
C ASN A 980 -18.65 5.79 23.01
N TYR A 981 -19.11 5.79 24.25
CA TYR A 981 -19.75 6.91 24.93
C TYR A 981 -18.78 7.98 25.43
N HIS A 982 -17.60 7.56 25.84
CA HIS A 982 -16.74 8.53 26.48
C HIS A 982 -16.01 9.40 25.49
N HIS A 983 -15.98 9.04 24.20
CA HIS A 983 -15.46 10.00 23.22
C HIS A 983 -16.35 11.24 23.15
N ALA A 984 -17.67 11.07 23.27
CA ALA A 984 -18.51 12.26 23.34
C ALA A 984 -18.35 12.98 24.68
N HIS A 985 -18.27 12.24 25.79
CA HIS A 985 -17.96 12.92 27.04
C HIS A 985 -16.60 13.62 27.02
N ASP A 986 -15.63 13.09 26.27
CA ASP A 986 -14.34 13.75 26.12
C ASP A 986 -14.44 15.05 25.34
N ALA A 987 -15.28 15.08 24.31
CA ALA A 987 -15.51 16.36 23.61
C ALA A 987 -16.17 17.37 24.54
N TYR A 988 -17.14 16.89 25.34
CA TYR A 988 -17.77 17.72 26.37
C TYR A 988 -16.74 18.31 27.34
N LEU A 989 -15.90 17.45 27.90
CA LEU A 989 -14.93 17.89 28.91
C LEU A 989 -13.82 18.73 28.27
N ASN A 990 -13.57 18.53 26.97
CA ASN A 990 -12.65 19.39 26.24
C ASN A 990 -13.16 20.83 26.23
N ALA A 991 -14.46 21.01 25.92
CA ALA A 991 -15.03 22.34 25.98
C ALA A 991 -15.02 22.89 27.41
N VAL A 992 -15.28 22.02 28.39
CA VAL A 992 -15.28 22.44 29.79
C VAL A 992 -13.92 23.00 30.19
N VAL A 993 -12.85 22.27 29.87
CA VAL A 993 -11.50 22.70 30.26
C VAL A 993 -11.10 23.95 29.48
N GLY A 994 -11.47 24.03 28.20
CA GLY A 994 -11.16 25.24 27.43
C GLY A 994 -11.83 26.49 27.99
N THR A 995 -13.12 26.38 28.29
CA THR A 995 -13.84 27.51 28.88
C THR A 995 -13.31 27.84 30.27
N ALA A 996 -12.91 26.82 31.04
CA ALA A 996 -12.38 27.05 32.38
C ALA A 996 -11.05 27.80 32.33
N LEU A 997 -10.14 27.38 31.45
CA LEU A 997 -8.86 28.08 31.34
C LEU A 997 -8.98 29.46 30.69
N ILE A 998 -10.01 29.71 29.87
CA ILE A 998 -10.20 31.09 29.45
C ILE A 998 -11.00 31.89 30.46
N LYS A 999 -11.54 31.25 31.50
CA LYS A 999 -12.21 31.98 32.57
C LYS A 999 -11.34 32.19 33.80
N LYS A 1000 -10.33 31.35 34.03
CA LYS A 1000 -9.36 31.65 35.09
C LYS A 1000 -8.42 32.75 34.63
N ARG A 1078 -22.17 24.73 41.39
CA ARG A 1078 -23.17 24.78 40.33
C ARG A 1078 -22.72 23.96 39.12
N ASP A 1079 -21.73 24.49 38.40
CA ASP A 1079 -21.17 23.79 37.26
C ASP A 1079 -20.41 22.54 37.69
N PHE A 1080 -19.70 22.62 38.81
CA PHE A 1080 -19.01 21.44 39.34
C PHE A 1080 -20.00 20.37 39.78
N ALA A 1081 -21.19 20.77 40.22
CA ALA A 1081 -22.27 19.83 40.47
C ALA A 1081 -23.03 19.47 39.20
N THR A 1082 -22.81 20.21 38.11
CA THR A 1082 -23.48 19.93 36.85
C THR A 1082 -22.77 18.85 36.06
N VAL A 1083 -21.42 18.83 36.13
CA VAL A 1083 -20.61 17.99 35.24
C VAL A 1083 -20.88 16.51 35.46
N ARG A 1084 -21.05 16.08 36.72
CA ARG A 1084 -21.26 14.65 36.98
C ARG A 1084 -22.61 14.19 36.48
N LYS A 1085 -23.62 15.08 36.50
CA LYS A 1085 -24.90 14.77 35.88
C LYS A 1085 -24.80 14.78 34.36
N VAL A 1086 -23.95 15.65 33.80
CA VAL A 1086 -23.84 15.74 32.35
C VAL A 1086 -23.25 14.46 31.79
N LEU A 1087 -22.23 13.91 32.45
CA LEU A 1087 -21.78 12.59 32.03
C LEU A 1087 -22.77 11.48 32.39
N SER A 1088 -23.76 11.75 33.24
CA SER A 1088 -24.69 10.72 33.68
C SER A 1088 -25.88 10.48 32.76
N MET A 1089 -26.18 11.35 31.79
CA MET A 1089 -27.30 11.05 30.90
C MET A 1089 -26.99 9.90 29.95
N PRO A 1090 -27.90 8.94 29.81
CA PRO A 1090 -27.68 7.84 28.86
C PRO A 1090 -28.12 8.12 27.43
N GLN A 1091 -28.45 9.37 27.08
CA GLN A 1091 -28.79 9.68 25.69
C GLN A 1091 -27.76 10.66 25.14
N VAL A 1092 -26.82 10.13 24.36
CA VAL A 1092 -25.91 10.87 23.48
C VAL A 1092 -25.97 10.33 22.06
N ASN A 1093 -26.09 11.25 21.11
CA ASN A 1093 -26.42 10.97 19.72
C ASN A 1093 -25.11 10.55 19.06
N ILE A 1094 -24.85 9.24 19.09
CA ILE A 1094 -23.64 8.68 18.51
C ILE A 1094 -23.92 8.40 17.04
N VAL A 1095 -23.06 8.88 16.15
CA VAL A 1095 -23.28 8.79 14.72
C VAL A 1095 -22.16 7.97 14.11
N LYS A 1096 -22.44 6.71 13.80
CA LYS A 1096 -21.56 5.95 12.94
C LYS A 1096 -21.72 6.47 11.52
N LYS A 1097 -20.64 6.99 10.95
CA LYS A 1097 -20.70 7.50 9.58
C LYS A 1097 -21.02 6.36 8.62
N THR A 1098 -21.72 6.69 7.55
CA THR A 1098 -22.17 5.72 6.56
C THR A 1098 -21.43 5.98 5.26
N GLU A 1099 -20.70 4.97 4.78
CA GLU A 1099 -19.90 5.11 3.58
C GLU A 1099 -20.28 4.04 2.58
N VAL A 1100 -20.20 4.38 1.30
CA VAL A 1100 -20.09 3.36 0.27
C VAL A 1100 -18.68 2.78 0.34
N GLN A 1101 -18.58 1.45 0.22
CA GLN A 1101 -17.28 0.81 0.30
C GLN A 1101 -16.59 0.82 -1.05
N THR A 1102 -15.38 1.38 -1.08
CA THR A 1102 -14.55 1.40 -2.28
C THR A 1102 -13.30 0.60 -2.06
N GLY A 1103 -12.76 0.08 -3.14
CA GLY A 1103 -11.55 -0.70 -3.09
C GLY A 1103 -11.54 -1.76 -4.18
N GLY A 1104 -10.83 -2.85 -3.88
CA GLY A 1104 -10.83 -4.00 -4.77
C GLY A 1104 -12.21 -4.62 -4.84
N PHE A 1105 -12.55 -5.12 -6.03
CA PHE A 1105 -13.73 -5.98 -6.15
C PHE A 1105 -13.71 -7.20 -5.26
N SER A 1106 -12.60 -7.92 -5.21
CA SER A 1106 -12.63 -9.21 -4.55
C SER A 1106 -11.35 -9.47 -3.80
N LYS A 1107 -11.40 -10.52 -2.98
CA LYS A 1107 -10.20 -11.25 -2.63
C LYS A 1107 -9.53 -11.73 -3.91
N GLU A 1108 -8.21 -11.60 -3.97
CA GLU A 1108 -7.51 -11.66 -5.25
C GLU A 1108 -7.12 -13.07 -5.67
N SER A 1109 -7.12 -14.04 -4.76
CA SER A 1109 -6.76 -15.41 -5.12
C SER A 1109 -7.73 -15.99 -6.12
N ILE A 1110 -7.26 -16.27 -7.33
CA ILE A 1110 -8.12 -16.81 -8.37
C ILE A 1110 -8.40 -18.27 -8.06
N ARG A 1111 -9.63 -18.59 -7.69
CA ARG A 1111 -9.99 -19.93 -7.30
C ARG A 1111 -10.19 -20.80 -8.54
N PRO A 1112 -9.87 -22.10 -8.45
CA PRO A 1112 -9.98 -22.98 -9.61
C PRO A 1112 -11.41 -23.14 -10.09
N LYS A 1113 -11.55 -23.85 -11.20
CA LYS A 1113 -12.84 -24.04 -11.84
C LYS A 1113 -13.80 -24.81 -10.94
N ARG A 1114 -15.08 -24.51 -11.08
CA ARG A 1114 -16.10 -25.08 -10.22
C ARG A 1114 -17.44 -24.97 -10.92
N ASN A 1115 -18.42 -25.71 -10.41
CA ASN A 1115 -19.79 -25.65 -10.90
C ASN A 1115 -20.64 -24.65 -10.15
N SER A 1116 -20.07 -23.93 -9.18
CA SER A 1116 -20.82 -22.93 -8.45
C SER A 1116 -21.06 -21.71 -9.33
N ASP A 1117 -22.08 -20.94 -8.97
CA ASP A 1117 -22.44 -19.74 -9.70
C ASP A 1117 -21.97 -18.46 -9.04
N LYS A 1118 -21.21 -18.56 -7.95
CA LYS A 1118 -20.68 -17.39 -7.28
C LYS A 1118 -19.26 -17.03 -7.72
N LEU A 1119 -18.70 -17.76 -8.68
CA LEU A 1119 -17.42 -17.39 -9.26
C LEU A 1119 -17.56 -16.15 -10.13
N ILE A 1120 -16.62 -15.22 -9.96
CA ILE A 1120 -16.68 -13.92 -10.62
C ILE A 1120 -15.92 -14.00 -11.94
N ALA A 1121 -16.58 -13.59 -13.01
CA ALA A 1121 -16.03 -13.69 -14.37
C ALA A 1121 -14.91 -12.68 -14.53
N ARG A 1122 -13.67 -13.16 -14.45
CA ARG A 1122 -12.48 -12.32 -14.53
C ARG A 1122 -12.27 -11.72 -15.92
N LYS A 1123 -13.05 -12.14 -16.91
CA LYS A 1123 -13.15 -11.47 -18.19
C LYS A 1123 -14.56 -11.71 -18.72
N LYS A 1124 -14.95 -10.91 -19.71
CA LYS A 1124 -16.30 -11.01 -20.27
C LYS A 1124 -16.53 -12.36 -20.92
N ASP A 1125 -15.63 -12.77 -21.81
CA ASP A 1125 -15.80 -14.03 -22.51
C ASP A 1125 -15.51 -15.22 -21.60
N TRP A 1126 -14.64 -15.03 -20.60
CA TRP A 1126 -14.18 -16.12 -19.76
C TRP A 1126 -15.30 -16.52 -18.81
N ASP A 1127 -16.03 -17.56 -19.19
CA ASP A 1127 -17.09 -18.11 -18.35
C ASP A 1127 -16.46 -18.73 -17.10
N PRO A 1128 -16.85 -18.30 -15.90
CA PRO A 1128 -16.18 -18.80 -14.69
C PRO A 1128 -16.48 -20.25 -14.35
N LYS A 1129 -17.42 -20.90 -15.04
CA LYS A 1129 -17.62 -22.33 -14.85
C LYS A 1129 -16.37 -23.12 -15.21
N LYS A 1130 -15.71 -22.72 -16.30
CA LYS A 1130 -14.60 -23.45 -16.86
C LYS A 1130 -13.25 -22.86 -16.49
N TYR A 1131 -13.15 -21.53 -16.41
CA TYR A 1131 -11.88 -20.85 -16.33
C TYR A 1131 -11.50 -20.43 -14.91
N GLY A 1132 -12.32 -20.73 -13.92
CA GLY A 1132 -12.04 -20.28 -12.57
C GLY A 1132 -12.29 -18.80 -12.40
N GLY A 1133 -12.18 -18.30 -11.18
CA GLY A 1133 -12.46 -16.89 -10.96
C GLY A 1133 -12.34 -16.53 -9.50
N PHE A 1134 -12.65 -15.27 -9.21
CA PHE A 1134 -12.56 -14.75 -7.86
C PHE A 1134 -13.79 -15.08 -7.04
N LEU A 1135 -13.60 -15.15 -5.73
CA LEU A 1135 -14.67 -15.31 -4.75
C LEU A 1135 -14.51 -14.22 -3.70
N TRP A 1136 -15.53 -14.13 -2.83
CA TRP A 1136 -15.69 -13.06 -1.84
C TRP A 1136 -15.65 -11.67 -2.49
N PRO A 1137 -16.62 -11.29 -3.33
CA PRO A 1137 -16.67 -9.90 -3.78
C PRO A 1137 -17.04 -8.97 -2.63
N THR A 1138 -16.65 -7.71 -2.80
CA THR A 1138 -16.89 -6.70 -1.78
C THR A 1138 -18.12 -5.87 -2.13
N VAL A 1139 -19.05 -5.78 -1.20
CA VAL A 1139 -20.29 -5.04 -1.42
C VAL A 1139 -20.01 -3.55 -1.46
N ALA A 1140 -20.71 -2.84 -2.34
CA ALA A 1140 -20.59 -1.39 -2.34
C ALA A 1140 -21.67 -0.77 -1.44
N TYR A 1141 -22.94 -0.98 -1.78
CA TYR A 1141 -24.03 -0.51 -0.93
C TYR A 1141 -25.24 -1.40 -1.18
N SER A 1142 -26.14 -1.43 -0.21
CA SER A 1142 -27.38 -2.18 -0.36
C SER A 1142 -28.43 -1.29 -1.00
N VAL A 1143 -29.33 -1.93 -1.74
CA VAL A 1143 -30.40 -1.25 -2.46
C VAL A 1143 -31.71 -1.94 -2.11
N LEU A 1144 -32.53 -1.29 -1.31
CA LEU A 1144 -33.85 -1.84 -1.01
C LEU A 1144 -34.76 -1.66 -2.21
N VAL A 1145 -35.39 -2.74 -2.63
CA VAL A 1145 -36.32 -2.71 -3.75
C VAL A 1145 -37.65 -3.30 -3.32
N VAL A 1146 -38.71 -2.84 -3.96
CA VAL A 1146 -40.01 -3.51 -3.91
C VAL A 1146 -40.44 -3.79 -5.35
N ALA A 1147 -40.79 -5.04 -5.60
CA ALA A 1147 -41.03 -5.53 -6.96
C ALA A 1147 -41.74 -6.87 -6.86
N LYS A 1148 -41.82 -7.57 -7.99
CA LYS A 1148 -42.42 -8.89 -8.06
C LYS A 1148 -41.45 -9.85 -8.75
N VAL A 1149 -41.43 -11.10 -8.29
CA VAL A 1149 -40.55 -12.12 -8.85
C VAL A 1149 -41.35 -13.41 -9.02
N GLU A 1150 -41.21 -14.05 -10.18
CA GLU A 1150 -41.86 -15.33 -10.43
C GLU A 1150 -41.05 -16.45 -9.78
N LYS A 1151 -41.72 -17.29 -8.99
CA LYS A 1151 -41.06 -18.39 -8.30
C LYS A 1151 -41.86 -19.68 -8.49
N GLY A 1152 -41.14 -20.79 -8.43
CA GLY A 1152 -41.75 -22.10 -8.56
C GLY A 1152 -41.74 -22.61 -9.99
N LYS A 1153 -41.95 -23.94 -10.11
CA LYS A 1153 -42.10 -24.54 -11.44
C LYS A 1153 -43.36 -24.03 -12.12
N SER A 1154 -44.48 -24.02 -11.39
CA SER A 1154 -45.68 -23.29 -11.81
C SER A 1154 -45.51 -21.86 -11.31
N LYS A 1155 -44.90 -21.02 -12.13
CA LYS A 1155 -44.47 -19.70 -11.70
C LYS A 1155 -45.66 -18.80 -11.39
N LYS A 1156 -45.54 -18.05 -10.30
CA LYS A 1156 -46.56 -17.11 -9.88
C LYS A 1156 -45.91 -15.74 -9.66
N LEU A 1157 -46.61 -14.69 -10.10
CA LEU A 1157 -46.06 -13.34 -10.08
C LEU A 1157 -46.29 -12.76 -8.68
N LYS A 1158 -45.41 -13.13 -7.77
CA LYS A 1158 -45.54 -12.79 -6.36
C LYS A 1158 -44.70 -11.57 -6.03
N SER A 1159 -45.30 -10.62 -5.31
CA SER A 1159 -44.58 -9.40 -4.93
C SER A 1159 -43.51 -9.70 -3.88
N VAL A 1160 -42.45 -8.89 -3.90
CA VAL A 1160 -41.31 -9.11 -3.02
C VAL A 1160 -40.80 -7.77 -2.51
N LYS A 1161 -40.36 -7.75 -1.26
CA LYS A 1161 -39.63 -6.62 -0.69
C LYS A 1161 -38.36 -7.17 -0.06
N GLU A 1162 -37.22 -6.86 -0.64
CA GLU A 1162 -35.93 -7.32 -0.13
C GLU A 1162 -34.85 -6.37 -0.60
N LEU A 1163 -33.68 -6.48 0.04
CA LEU A 1163 -32.56 -5.60 -0.27
C LEU A 1163 -31.47 -6.38 -1.00
N LEU A 1164 -31.08 -5.88 -2.16
CA LEU A 1164 -30.00 -6.46 -2.95
C LEU A 1164 -28.71 -5.74 -2.63
N GLY A 1165 -27.61 -6.48 -2.63
CA GLY A 1165 -26.30 -5.90 -2.42
C GLY A 1165 -25.54 -5.63 -3.69
N ILE A 1166 -25.32 -4.35 -4.01
CA ILE A 1166 -24.61 -4.02 -5.24
C ILE A 1166 -23.11 -4.19 -4.99
N THR A 1167 -22.36 -4.48 -6.04
CA THR A 1167 -20.90 -4.56 -5.91
C THR A 1167 -20.25 -3.52 -6.82
N ILE A 1168 -18.93 -3.40 -6.68
CA ILE A 1168 -18.24 -2.18 -7.07
C ILE A 1168 -18.25 -1.96 -8.59
N MET A 1169 -18.03 -3.01 -9.40
CA MET A 1169 -18.02 -2.74 -10.84
C MET A 1169 -19.43 -2.56 -11.40
N GLU A 1170 -20.42 -3.25 -10.85
CA GLU A 1170 -21.76 -3.02 -11.37
C GLU A 1170 -22.40 -1.77 -10.78
N ARG A 1171 -21.73 -1.12 -9.83
CA ARG A 1171 -22.21 0.16 -9.28
C ARG A 1171 -22.35 1.20 -10.37
N SER A 1172 -21.40 1.22 -11.31
CA SER A 1172 -21.49 2.14 -12.45
C SER A 1172 -22.67 1.81 -13.34
N SER A 1173 -22.87 0.53 -13.65
CA SER A 1173 -24.00 0.15 -14.49
C SER A 1173 -25.32 0.27 -13.74
N PHE A 1174 -25.30 0.13 -12.41
CA PHE A 1174 -26.51 0.34 -11.64
C PHE A 1174 -26.90 1.81 -11.64
N GLU A 1175 -25.94 2.71 -11.40
CA GLU A 1175 -26.27 4.13 -11.38
C GLU A 1175 -26.48 4.70 -12.78
N LYS A 1176 -26.00 4.01 -13.81
CA LYS A 1176 -26.30 4.42 -15.18
C LYS A 1176 -27.78 4.21 -15.48
N ASN A 1177 -28.34 3.10 -15.03
CA ASN A 1177 -29.74 2.78 -15.28
C ASN A 1177 -30.22 1.78 -14.23
N PRO A 1178 -30.82 2.26 -13.13
CA PRO A 1178 -31.19 1.33 -12.05
C PRO A 1178 -32.31 0.38 -12.42
N ILE A 1179 -33.33 0.86 -13.14
CA ILE A 1179 -34.49 0.03 -13.44
C ILE A 1179 -34.12 -1.10 -14.40
N ASP A 1180 -33.35 -0.80 -15.44
CA ASP A 1180 -32.97 -1.85 -16.38
C ASP A 1180 -32.01 -2.86 -15.77
N PHE A 1181 -31.13 -2.39 -14.89
CA PHE A 1181 -30.22 -3.30 -14.20
C PHE A 1181 -31.00 -4.23 -13.27
N LEU A 1182 -31.92 -3.66 -12.50
CA LEU A 1182 -32.74 -4.44 -11.59
C LEU A 1182 -33.65 -5.41 -12.35
N GLU A 1183 -34.08 -5.01 -13.55
CA GLU A 1183 -34.82 -5.92 -14.41
C GLU A 1183 -33.94 -7.09 -14.83
N ALA A 1184 -32.68 -6.81 -15.16
CA ALA A 1184 -31.77 -7.87 -15.59
C ALA A 1184 -31.47 -8.85 -14.46
N LYS A 1185 -31.47 -8.40 -13.21
CA LYS A 1185 -31.28 -9.33 -12.10
C LYS A 1185 -32.51 -10.17 -11.82
N GLY A 1186 -33.68 -9.78 -12.33
CA GLY A 1186 -34.83 -10.64 -12.25
C GLY A 1186 -36.10 -9.99 -11.72
N TYR A 1187 -35.98 -8.76 -11.23
CA TYR A 1187 -37.13 -8.11 -10.61
C TYR A 1187 -38.04 -7.47 -11.65
N LYS A 1188 -39.34 -7.75 -11.55
CA LYS A 1188 -40.35 -7.16 -12.41
C LYS A 1188 -41.02 -5.99 -11.69
N GLU A 1189 -41.12 -4.85 -12.40
CA GLU A 1189 -41.90 -3.69 -11.98
C GLU A 1189 -41.44 -3.15 -10.62
N VAL A 1190 -40.15 -2.85 -10.53
CA VAL A 1190 -39.61 -2.20 -9.34
C VAL A 1190 -40.14 -0.77 -9.28
N LYS A 1191 -40.58 -0.36 -8.10
CA LYS A 1191 -41.10 1.00 -7.92
C LYS A 1191 -39.95 1.99 -7.93
N LYS A 1192 -39.87 2.78 -9.01
CA LYS A 1192 -38.69 3.60 -9.28
C LYS A 1192 -38.46 4.66 -8.20
N ASP A 1193 -39.52 5.33 -7.78
CA ASP A 1193 -39.39 6.37 -6.77
C ASP A 1193 -39.27 5.83 -5.36
N LEU A 1194 -39.10 4.51 -5.19
CA LEU A 1194 -38.95 3.92 -3.87
C LEU A 1194 -37.62 3.18 -3.76
N ILE A 1195 -36.74 3.32 -4.74
CA ILE A 1195 -35.41 2.72 -4.68
C ILE A 1195 -34.61 3.47 -3.62
N ILE A 1196 -34.33 2.81 -2.50
CA ILE A 1196 -33.65 3.41 -1.37
C ILE A 1196 -32.23 2.89 -1.35
N LYS A 1197 -31.26 3.81 -1.25
CA LYS A 1197 -29.84 3.47 -1.35
C LYS A 1197 -29.29 3.35 0.06
N LEU A 1198 -28.75 2.18 0.39
CA LEU A 1198 -28.42 1.83 1.78
C LEU A 1198 -26.97 1.39 1.89
N PRO A 1199 -26.05 2.33 2.08
CA PRO A 1199 -24.64 1.95 2.26
C PRO A 1199 -24.37 1.33 3.62
N LYS A 1200 -23.12 0.87 3.80
CA LYS A 1200 -22.70 0.23 5.03
C LYS A 1200 -22.87 1.17 6.21
N TYR A 1201 -23.23 0.58 7.37
CA TYR A 1201 -23.62 1.31 8.58
C TYR A 1201 -24.87 2.16 8.39
N SER A 1202 -25.75 1.78 7.48
CA SER A 1202 -27.12 2.27 7.52
C SER A 1202 -27.77 1.75 8.80
N LEU A 1203 -28.58 2.60 9.44
CA LEU A 1203 -29.10 2.29 10.76
C LEU A 1203 -30.61 2.09 10.72
N PHE A 1204 -31.09 1.08 11.44
CA PHE A 1204 -32.51 0.74 11.45
C PHE A 1204 -33.03 0.70 12.87
N GLU A 1205 -34.25 1.20 13.06
CA GLU A 1205 -34.95 1.10 14.34
C GLU A 1205 -36.02 0.01 14.26
N LEU A 1206 -35.85 -1.03 15.07
CA LEU A 1206 -36.88 -2.05 15.21
C LEU A 1206 -37.59 -1.83 16.55
N GLU A 1207 -38.45 -2.77 16.92
CA GLU A 1207 -39.32 -2.62 18.09
C GLU A 1207 -38.53 -2.58 19.40
N ASN A 1208 -39.13 -1.91 20.38
CA ASN A 1208 -38.64 -1.84 21.77
C ASN A 1208 -37.21 -1.28 21.86
N GLY A 1209 -36.90 -0.32 20.99
CA GLY A 1209 -35.60 0.32 20.95
C GLY A 1209 -34.44 -0.48 20.42
N ARG A 1210 -34.66 -1.72 19.95
CA ARG A 1210 -33.56 -2.50 19.41
C ARG A 1210 -33.10 -1.90 18.08
N LYS A 1211 -31.80 -1.63 17.98
CA LYS A 1211 -31.24 -1.03 16.78
C LYS A 1211 -30.21 -2.00 16.22
N ARG A 1212 -30.14 -2.05 14.90
CA ARG A 1212 -29.22 -2.90 14.19
C ARG A 1212 -28.53 -2.10 13.11
N MET A 1213 -27.26 -2.44 12.86
CA MET A 1213 -26.40 -1.67 11.99
C MET A 1213 -26.08 -2.51 10.77
N LEU A 1214 -26.32 -1.97 9.58
CA LEU A 1214 -26.26 -2.78 8.37
C LEU A 1214 -24.80 -2.97 7.98
N ALA A 1215 -24.35 -4.23 7.99
CA ALA A 1215 -23.00 -4.54 7.52
C ALA A 1215 -22.95 -4.79 6.02
N SER A 1216 -23.95 -5.46 5.49
CA SER A 1216 -24.10 -5.72 4.06
C SER A 1216 -25.51 -6.25 3.87
N ALA A 1217 -25.86 -6.50 2.60
CA ALA A 1217 -27.19 -7.04 2.29
C ALA A 1217 -27.42 -8.45 2.84
N LYS A 1218 -26.38 -9.12 3.32
CA LYS A 1218 -26.50 -10.42 3.94
C LYS A 1218 -26.03 -10.44 5.40
N GLN A 1219 -25.83 -9.28 6.02
CA GLN A 1219 -25.20 -9.28 7.34
C GLN A 1219 -25.55 -8.01 8.10
N LEU A 1220 -25.90 -8.15 9.37
CA LEU A 1220 -26.20 -7.05 10.26
C LEU A 1220 -25.07 -6.86 11.27
N GLN A 1221 -25.20 -5.82 12.09
CA GLN A 1221 -24.31 -5.58 13.22
C GLN A 1221 -25.16 -5.12 14.39
N LYS A 1222 -24.60 -5.26 15.59
CA LYS A 1222 -25.26 -4.77 16.79
C LYS A 1222 -25.33 -3.25 16.75
N GLY A 1223 -26.46 -2.71 17.19
CA GLY A 1223 -26.68 -1.28 17.10
C GLY A 1223 -26.92 -0.56 18.41
N ASN A 1224 -26.80 -1.26 19.54
CA ASN A 1224 -27.12 -0.67 20.82
C ASN A 1224 -25.95 -0.77 21.79
N GLU A 1225 -25.89 0.17 22.72
CA GLU A 1225 -24.90 0.23 23.77
C GLU A 1225 -25.59 0.32 25.11
N LEU A 1226 -25.04 -0.37 26.11
CA LEU A 1226 -25.55 -0.25 27.46
C LEU A 1226 -24.87 0.92 28.18
N ALA A 1227 -25.43 1.28 29.33
CA ALA A 1227 -24.91 2.40 30.12
C ALA A 1227 -25.07 2.09 31.59
N LEU A 1228 -23.97 1.75 32.25
CA LEU A 1228 -23.96 1.53 33.69
C LEU A 1228 -23.98 2.86 34.44
N PRO A 1229 -24.39 2.85 35.72
CA PRO A 1229 -24.14 4.02 36.56
C PRO A 1229 -22.65 4.23 36.76
N SER A 1230 -22.27 5.49 37.02
CA SER A 1230 -20.86 5.86 37.10
C SER A 1230 -20.14 5.16 38.24
N LYS A 1231 -20.86 4.86 39.33
CA LYS A 1231 -20.26 4.16 40.46
C LYS A 1231 -19.86 2.74 40.09
N TYR A 1232 -20.58 2.10 39.17
CA TYR A 1232 -20.18 0.79 38.68
C TYR A 1232 -18.83 0.85 37.98
N VAL A 1233 -18.65 1.86 37.12
CA VAL A 1233 -17.40 2.01 36.39
C VAL A 1233 -16.27 2.37 37.34
N ASN A 1234 -16.56 3.20 38.35
CA ASN A 1234 -15.55 3.55 39.35
C ASN A 1234 -15.10 2.32 40.13
N PHE A 1235 -16.05 1.48 40.55
CA PHE A 1235 -15.70 0.22 41.20
C PHE A 1235 -14.89 -0.69 40.28
N LEU A 1236 -15.28 -0.76 39.00
CA LEU A 1236 -14.59 -1.61 38.05
C LEU A 1236 -13.13 -1.19 37.88
N TYR A 1237 -12.89 0.09 37.61
CA TYR A 1237 -11.54 0.49 37.28
C TYR A 1237 -10.71 0.81 38.52
N LEU A 1238 -11.33 0.86 39.71
CA LEU A 1238 -10.54 0.81 40.93
C LEU A 1238 -10.21 -0.63 41.32
N ALA A 1239 -11.04 -1.58 40.91
CA ALA A 1239 -10.72 -2.99 41.12
C ALA A 1239 -9.80 -3.51 40.01
N SER A 1240 -10.21 -3.34 38.75
CA SER A 1240 -9.39 -3.75 37.63
C SER A 1240 -8.31 -2.72 37.34
N HIS A 1241 -7.12 -3.19 36.95
CA HIS A 1241 -5.95 -2.36 36.60
C HIS A 1241 -5.54 -1.45 37.76
N TYR A 1242 -5.00 -2.08 38.80
CA TYR A 1242 -4.23 -1.35 39.80
C TYR A 1242 -3.02 -0.67 39.18
N GLU A 1243 -2.31 -1.36 38.29
CA GLU A 1243 -0.98 -0.91 37.86
C GLU A 1243 -1.04 0.30 36.94
N LYS A 1244 -2.19 0.63 36.36
CA LYS A 1244 -2.29 1.80 35.49
C LYS A 1244 -3.45 2.70 35.89
N LEU A 1245 -3.80 2.69 37.18
CA LEU A 1245 -4.64 3.73 37.77
C LEU A 1245 -3.97 4.27 39.02
N LYS A 1246 -3.28 3.40 39.76
CA LYS A 1246 -2.72 3.76 41.04
C LYS A 1246 -1.30 4.31 40.86
N GLY A 1247 -0.67 4.66 41.97
CA GLY A 1247 0.53 5.46 41.98
C GLY A 1247 0.28 6.91 42.33
N SER A 1248 -0.98 7.35 42.28
CA SER A 1248 -1.40 8.64 42.79
C SER A 1248 -1.41 8.58 44.32
N PRO A 1249 -1.47 9.75 45.01
CA PRO A 1249 -1.50 9.74 46.49
C PRO A 1249 -2.70 9.02 47.10
N GLU A 1250 -2.75 9.00 48.44
CA GLU A 1250 -3.55 8.07 49.23
C GLU A 1250 -5.06 8.29 49.06
N ASP A 1251 -5.47 9.36 48.40
CA ASP A 1251 -6.88 9.50 48.01
C ASP A 1251 -7.32 8.39 47.05
N ASN A 1252 -6.37 7.77 46.34
CA ASN A 1252 -6.69 6.59 45.53
C ASN A 1252 -7.14 5.43 46.42
N GLU A 1253 -6.45 5.20 47.53
CA GLU A 1253 -6.90 4.16 48.44
C GLU A 1253 -8.15 4.60 49.20
N GLN A 1254 -8.33 5.91 49.39
CA GLN A 1254 -9.56 6.42 49.98
C GLN A 1254 -10.78 6.14 49.10
N LYS A 1255 -10.65 6.34 47.79
CA LYS A 1255 -11.75 6.01 46.90
C LYS A 1255 -11.85 4.49 46.65
N GLN A 1256 -10.77 3.75 46.83
CA GLN A 1256 -10.85 2.28 46.92
C GLN A 1256 -11.72 1.86 48.09
N LEU A 1257 -11.55 2.49 49.25
CA LEU A 1257 -12.39 2.20 50.40
C LEU A 1257 -13.71 2.97 50.37
N PHE A 1258 -13.96 3.75 49.33
CA PHE A 1258 -15.32 4.14 48.99
C PHE A 1258 -16.03 3.15 48.07
N VAL A 1259 -15.29 2.41 47.24
CA VAL A 1259 -15.91 1.46 46.32
C VAL A 1259 -15.78 0.02 46.79
N GLU A 1260 -15.24 -0.20 47.99
CA GLU A 1260 -15.19 -1.56 48.56
C GLU A 1260 -16.59 -2.12 48.79
N GLN A 1261 -17.58 -1.25 48.99
CA GLN A 1261 -18.97 -1.63 49.19
C GLN A 1261 -19.63 -2.12 47.91
N HIS A 1262 -18.97 -1.98 46.76
CA HIS A 1262 -19.56 -2.24 45.46
C HIS A 1262 -19.20 -3.61 44.91
N LYS A 1263 -18.76 -4.55 45.76
CA LYS A 1263 -18.47 -5.90 45.32
C LYS A 1263 -19.71 -6.64 44.84
N HIS A 1264 -20.89 -6.21 45.26
CA HIS A 1264 -22.15 -6.80 44.78
C HIS A 1264 -22.35 -6.53 43.28
N TYR A 1265 -21.69 -5.50 42.73
CA TYR A 1265 -21.84 -5.27 41.30
C TYR A 1265 -21.18 -6.35 40.46
N LEU A 1266 -20.29 -7.16 41.02
CA LEU A 1266 -19.78 -8.29 40.24
C LEU A 1266 -20.85 -9.34 39.96
N ASP A 1267 -21.98 -9.27 40.65
CA ASP A 1267 -23.20 -9.97 40.27
C ASP A 1267 -24.15 -9.07 39.49
N GLU A 1268 -24.30 -7.82 39.94
CA GLU A 1268 -25.29 -6.92 39.36
C GLU A 1268 -25.02 -6.62 37.89
N ILE A 1269 -23.76 -6.54 37.47
CA ILE A 1269 -23.49 -6.32 36.04
C ILE A 1269 -23.86 -7.55 35.24
N ILE A 1270 -23.68 -8.75 35.81
CA ILE A 1270 -24.17 -9.96 35.12
C ILE A 1270 -25.67 -9.90 34.94
N GLU A 1271 -26.38 -9.40 35.95
CA GLU A 1271 -27.81 -9.12 35.78
C GLU A 1271 -28.05 -8.12 34.66
N GLN A 1272 -27.21 -7.09 34.55
CA GLN A 1272 -27.33 -6.11 33.48
C GLN A 1272 -27.11 -6.72 32.09
N ILE A 1273 -26.09 -7.56 31.95
CA ILE A 1273 -25.85 -8.20 30.65
C ILE A 1273 -27.00 -9.13 30.29
N SER A 1274 -27.51 -9.88 31.28
CA SER A 1274 -28.65 -10.75 31.02
C SER A 1274 -29.86 -9.94 30.57
N GLU A 1275 -30.14 -8.83 31.26
CA GLU A 1275 -31.30 -8.00 30.94
C GLU A 1275 -31.17 -7.38 29.55
N PHE A 1276 -30.03 -6.75 29.27
CA PHE A 1276 -29.86 -6.08 27.99
C PHE A 1276 -29.74 -7.07 26.84
N SER A 1277 -29.17 -8.25 27.09
CA SER A 1277 -29.04 -9.25 26.03
C SER A 1277 -30.38 -9.87 25.69
N LYS A 1278 -31.20 -10.16 26.71
CA LYS A 1278 -32.57 -10.55 26.44
C LYS A 1278 -33.36 -9.41 25.81
N ARG A 1279 -32.95 -8.16 26.05
CA ARG A 1279 -33.71 -7.05 25.53
C ARG A 1279 -33.38 -6.78 24.07
N VAL A 1280 -32.11 -6.57 23.73
CA VAL A 1280 -31.75 -6.16 22.38
C VAL A 1280 -30.69 -7.03 21.70
N ILE A 1281 -29.93 -7.88 22.39
CA ILE A 1281 -29.02 -8.78 21.67
C ILE A 1281 -29.69 -10.11 21.29
N LEU A 1282 -30.53 -10.68 22.16
CA LEU A 1282 -31.19 -11.98 21.93
C LEU A 1282 -30.17 -13.09 21.70
N ALA A 1283 -29.34 -13.32 22.71
CA ALA A 1283 -28.20 -14.22 22.58
C ALA A 1283 -28.55 -15.68 22.87
N ASP A 1284 -29.80 -15.97 23.22
CA ASP A 1284 -30.34 -17.28 23.59
C ASP A 1284 -29.41 -18.11 24.50
N ALA A 1285 -29.04 -19.33 24.09
CA ALA A 1285 -28.30 -20.24 24.97
C ALA A 1285 -26.89 -19.74 25.28
N ASN A 1286 -26.38 -18.77 24.52
CA ASN A 1286 -25.11 -18.16 24.90
C ASN A 1286 -25.23 -17.44 26.23
N LEU A 1287 -26.41 -16.85 26.50
CA LEU A 1287 -26.67 -16.28 27.83
C LEU A 1287 -26.61 -17.34 28.91
N ASP A 1288 -27.17 -18.52 28.64
CA ASP A 1288 -27.08 -19.61 29.61
C ASP A 1288 -25.62 -20.00 29.85
N LYS A 1289 -24.83 -20.03 28.79
CA LYS A 1289 -23.42 -20.37 28.90
C LYS A 1289 -22.66 -19.36 29.78
N VAL A 1290 -22.85 -18.06 29.52
CA VAL A 1290 -22.10 -17.06 30.28
C VAL A 1290 -22.58 -17.02 31.73
N LEU A 1291 -23.89 -17.17 31.95
CA LEU A 1291 -24.41 -17.18 33.32
C LEU A 1291 -23.88 -18.37 34.10
N SER A 1292 -23.80 -19.55 33.46
CA SER A 1292 -23.25 -20.73 34.11
C SER A 1292 -21.78 -20.52 34.46
N ALA A 1293 -20.99 -20.05 33.47
CA ALA A 1293 -19.57 -19.84 33.70
C ALA A 1293 -19.32 -18.77 34.77
N TYR A 1294 -20.20 -17.78 34.83
CA TYR A 1294 -20.20 -16.82 35.93
C TYR A 1294 -20.44 -17.53 37.25
N ASN A 1295 -21.44 -18.43 37.28
CA ASN A 1295 -21.88 -19.00 38.54
C ASN A 1295 -20.84 -19.95 39.13
N LYS A 1296 -20.03 -20.60 38.30
CA LYS A 1296 -18.98 -21.41 38.91
C LYS A 1296 -17.71 -20.65 39.27
N HIS A 1297 -17.55 -19.38 38.87
CA HIS A 1297 -16.33 -18.65 39.21
C HIS A 1297 -16.62 -17.31 39.88
N ARG A 1298 -17.66 -17.24 40.71
CA ARG A 1298 -17.93 -15.98 41.39
C ARG A 1298 -16.91 -15.76 42.52
N ASP A 1299 -16.38 -16.83 43.11
CA ASP A 1299 -15.53 -16.75 44.30
C ASP A 1299 -14.09 -16.32 44.03
N LYS A 1300 -13.76 -15.95 42.80
CA LYS A 1300 -12.42 -15.54 42.45
C LYS A 1300 -12.11 -14.14 43.00
N PRO A 1301 -10.82 -13.74 43.05
CA PRO A 1301 -10.49 -12.39 43.51
C PRO A 1301 -11.05 -11.29 42.62
N ILE A 1302 -11.25 -10.12 43.24
CA ILE A 1302 -12.05 -9.03 42.67
C ILE A 1302 -11.40 -8.49 41.39
N ARG A 1303 -10.07 -8.33 41.42
CA ARG A 1303 -9.28 -7.82 40.31
C ARG A 1303 -9.52 -8.62 39.02
N GLU A 1304 -9.44 -9.95 39.13
CA GLU A 1304 -9.49 -10.79 37.94
C GLU A 1304 -10.90 -10.90 37.38
N GLN A 1305 -11.92 -11.00 38.24
CA GLN A 1305 -13.27 -11.00 37.69
C GLN A 1305 -13.63 -9.65 37.12
N ALA A 1306 -13.11 -8.55 37.68
CA ALA A 1306 -13.34 -7.23 37.10
C ALA A 1306 -12.76 -7.15 35.69
N GLU A 1307 -11.53 -7.66 35.52
CA GLU A 1307 -10.92 -7.73 34.19
C GLU A 1307 -11.76 -8.59 33.26
N ASN A 1308 -12.33 -9.67 33.78
CA ASN A 1308 -13.09 -10.55 32.91
C ASN A 1308 -14.49 -10.03 32.59
N ILE A 1309 -15.11 -9.20 33.44
CA ILE A 1309 -16.34 -8.53 33.00
C ILE A 1309 -16.01 -7.47 31.95
N ILE A 1310 -14.84 -6.84 32.06
CA ILE A 1310 -14.34 -6.00 30.98
C ILE A 1310 -14.22 -6.83 29.71
N HIS A 1311 -13.79 -8.08 29.84
CA HIS A 1311 -13.69 -8.98 28.70
C HIS A 1311 -15.07 -9.38 28.18
N LEU A 1312 -16.09 -9.51 29.05
CA LEU A 1312 -17.43 -9.83 28.55
C LEU A 1312 -18.07 -8.68 27.78
N PHE A 1313 -17.75 -7.41 28.11
CA PHE A 1313 -18.47 -6.35 27.37
C PHE A 1313 -18.17 -6.29 25.86
N THR A 1314 -17.31 -7.12 25.30
CA THR A 1314 -17.25 -7.28 23.85
C THR A 1314 -18.56 -7.84 23.27
N LEU A 1315 -19.37 -8.52 24.08
CA LEU A 1315 -20.73 -8.85 23.66
C LEU A 1315 -21.53 -7.60 23.37
N THR A 1316 -21.67 -6.73 24.37
CA THR A 1316 -22.63 -5.63 24.28
C THR A 1316 -22.12 -4.46 23.46
N ARG A 1317 -20.82 -4.40 23.19
CA ARG A 1317 -20.24 -3.24 22.52
C ARG A 1317 -20.76 -3.14 21.09
N LEU A 1318 -20.76 -1.92 20.57
CA LEU A 1318 -21.26 -1.62 19.24
C LEU A 1318 -20.52 -2.41 18.17
N GLY A 1319 -21.21 -2.71 17.08
CA GLY A 1319 -20.57 -3.27 15.91
C GLY A 1319 -20.66 -4.78 15.86
N ALA A 1320 -19.55 -5.43 15.51
CA ALA A 1320 -19.55 -6.85 15.19
C ALA A 1320 -19.60 -7.71 16.46
N PRO A 1321 -20.21 -8.90 16.37
CA PRO A 1321 -20.11 -9.86 17.47
C PRO A 1321 -18.75 -10.54 17.48
N ARG A 1322 -18.12 -10.57 18.66
CA ARG A 1322 -16.79 -11.15 18.79
C ARG A 1322 -16.74 -12.05 20.01
N ALA A 1323 -15.95 -13.10 19.91
CA ALA A 1323 -15.88 -14.14 20.93
C ALA A 1323 -15.06 -13.67 22.11
N PHE A 1324 -15.22 -14.39 23.23
CA PHE A 1324 -14.55 -14.08 24.48
C PHE A 1324 -14.56 -15.34 25.33
N LYS A 1325 -13.81 -15.32 26.43
CA LYS A 1325 -13.58 -16.52 27.21
C LYS A 1325 -14.08 -16.47 28.65
N TYR A 1326 -14.29 -15.29 29.23
CA TYR A 1326 -14.42 -15.11 30.68
C TYR A 1326 -13.21 -15.79 31.31
N PHE A 1327 -13.38 -16.69 32.28
CA PHE A 1327 -12.22 -17.39 32.82
C PHE A 1327 -11.83 -18.57 31.94
N ASP A 1328 -12.80 -19.40 31.55
CA ASP A 1328 -12.49 -20.74 31.05
C ASP A 1328 -12.45 -20.87 29.52
N THR A 1329 -13.57 -20.64 28.83
CA THR A 1329 -13.69 -21.20 27.49
C THR A 1329 -14.36 -20.24 26.52
N THR A 1330 -14.03 -20.42 25.23
CA THR A 1330 -14.50 -19.53 24.18
C THR A 1330 -15.98 -19.75 23.89
N ILE A 1331 -16.71 -18.66 23.74
CA ILE A 1331 -18.08 -18.71 23.25
C ILE A 1331 -18.07 -18.91 21.74
N ASP A 1332 -18.98 -19.75 21.25
CA ASP A 1332 -19.04 -20.07 19.83
C ASP A 1332 -19.50 -18.84 19.03
N PRO A 1333 -18.99 -18.70 17.80
CA PRO A 1333 -19.28 -17.49 17.01
C PRO A 1333 -20.74 -17.41 16.57
N LYS A 1334 -21.24 -16.18 16.50
CA LYS A 1334 -22.58 -15.92 15.98
C LYS A 1334 -22.50 -14.88 14.87
N GLN A 1335 -23.48 -14.91 13.97
CA GLN A 1335 -23.63 -13.90 12.93
C GLN A 1335 -25.10 -13.62 12.70
N TYR A 1336 -25.47 -12.34 12.63
CA TYR A 1336 -26.84 -11.91 12.33
C TYR A 1336 -27.06 -11.90 10.83
N ARG A 1337 -27.19 -13.10 10.27
CA ARG A 1337 -27.45 -13.26 8.85
C ARG A 1337 -28.82 -12.70 8.46
N SER A 1338 -29.75 -12.61 9.40
CA SER A 1338 -31.12 -12.21 9.10
C SER A 1338 -31.21 -10.71 8.80
N THR A 1339 -31.15 -10.38 7.51
CA THR A 1339 -31.54 -9.06 7.04
C THR A 1339 -33.04 -8.93 6.81
N LYS A 1340 -33.78 -10.04 6.94
CA LYS A 1340 -35.24 -10.02 6.77
C LYS A 1340 -35.89 -9.09 7.78
N GLU A 1341 -35.41 -9.10 9.02
CA GLU A 1341 -36.09 -8.46 10.13
C GLU A 1341 -36.10 -6.94 10.05
N VAL A 1342 -35.32 -6.33 9.17
CA VAL A 1342 -35.32 -4.87 9.02
C VAL A 1342 -36.25 -4.40 7.91
N LEU A 1343 -36.84 -5.31 7.14
CA LEU A 1343 -37.71 -4.92 6.04
C LEU A 1343 -39.02 -4.31 6.52
N ASP A 1344 -39.39 -4.53 7.78
CA ASP A 1344 -40.55 -3.90 8.39
C ASP A 1344 -40.16 -2.94 9.50
N ALA A 1345 -38.90 -2.54 9.57
CA ALA A 1345 -38.39 -1.67 10.62
C ALA A 1345 -38.63 -0.21 10.24
N THR A 1346 -37.97 0.70 10.96
CA THR A 1346 -38.03 2.12 10.66
C THR A 1346 -36.61 2.59 10.36
N LEU A 1347 -36.36 2.92 9.10
CA LEU A 1347 -35.03 3.31 8.67
C LEU A 1347 -34.70 4.71 9.18
N ILE A 1348 -33.44 4.90 9.58
CA ILE A 1348 -33.00 6.15 10.17
C ILE A 1348 -31.91 6.74 9.28
N HIS A 1349 -32.18 7.89 8.68
CA HIS A 1349 -31.13 8.72 8.11
C HIS A 1349 -30.68 9.69 9.18
N GLN A 1350 -29.39 9.66 9.50
CA GLN A 1350 -28.81 10.52 10.52
C GLN A 1350 -27.79 11.44 9.87
N SER A 1351 -27.85 12.72 10.21
CA SER A 1351 -26.93 13.70 9.62
C SER A 1351 -25.52 13.49 10.16
N ILE A 1352 -24.61 14.37 9.73
CA ILE A 1352 -23.21 14.26 10.15
C ILE A 1352 -23.09 14.47 11.66
N THR A 1353 -23.83 15.43 12.21
CA THR A 1353 -24.02 15.48 13.64
C THR A 1353 -25.07 14.49 14.12
N GLY A 1354 -25.93 14.03 13.23
CA GLY A 1354 -27.08 13.25 13.63
C GLY A 1354 -28.22 14.07 14.13
N LEU A 1355 -28.06 15.39 14.19
CA LEU A 1355 -29.07 16.27 14.75
C LEU A 1355 -30.27 16.43 13.82
N TYR A 1356 -30.14 16.05 12.56
CA TYR A 1356 -31.13 16.42 11.56
C TYR A 1356 -31.49 15.11 10.84
N GLU A 1357 -32.64 14.53 11.16
CA GLU A 1357 -32.93 13.17 10.73
C GLU A 1357 -34.05 13.16 9.70
N THR A 1358 -34.21 11.98 9.09
CA THR A 1358 -35.27 11.72 8.13
C THR A 1358 -35.62 10.24 8.28
N ARG A 1359 -36.61 9.96 9.12
CA ARG A 1359 -36.96 8.58 9.44
C ARG A 1359 -37.97 8.07 8.44
N ILE A 1360 -37.75 6.85 7.95
CA ILE A 1360 -38.65 6.21 6.99
C ILE A 1360 -39.11 4.90 7.59
N ASP A 1361 -40.43 4.69 7.61
CA ASP A 1361 -41.00 3.42 8.04
C ASP A 1361 -41.13 2.53 6.80
N LEU A 1362 -40.42 1.41 6.79
CA LEU A 1362 -40.39 0.59 5.59
C LEU A 1362 -41.67 -0.21 5.43
N SER A 1363 -42.38 -0.49 6.53
CA SER A 1363 -43.62 -1.25 6.46
C SER A 1363 -44.72 -0.48 5.74
N GLN A 1364 -44.60 0.84 5.64
CA GLN A 1364 -45.53 1.67 4.90
C GLN A 1364 -45.20 1.73 3.41
N LEU A 1365 -44.22 0.96 2.95
CA LEU A 1365 -43.75 1.00 1.59
C LEU A 1365 -44.24 -0.22 0.81
N GLY A 1366 -44.28 -0.10 -0.50
CA GLY A 1366 -44.66 -1.19 -1.37
C GLY A 1366 -46.15 -1.46 -1.37
#